data_2GK9
#
_entry.id   2GK9
#
_cell.length_a   95.390
_cell.length_b   95.390
_cell.length_c   189.110
_cell.angle_alpha   90.00
_cell.angle_beta   90.00
_cell.angle_gamma   90.00
#
_symmetry.space_group_name_H-M   'P 43'
#
_entity_poly.entity_id   1
_entity_poly.type   'polypeptide(L)'
_entity_poly.pdbx_seq_one_letter_code
;SMHFVQQKVKVFRAADPLVGVFLWGVAHSINELSQVPPPVMLLPDDFKASSKIKVNNHLFHRENLPSHFKFKEYCPQVFR
NLRDRFGIDDQDYLVSLTRNPPSESEGSDGRFLISYDRTLVIKEVSSEDIADMHSNLSNYHQYIVKCHGNTLLPQFLGMY
RVSVDNEDSYMLVMRNMFSHRLPVHRKYDLKGSLVSREASDKEKVKELPTLRDMDFLNKNQKVYIGEEEKKIFLEKLKRD
VEFLVQLKIMDYSLLLGIHDIIRGSEPEEEAPVREDESEVDGDCSLTGPPALVGSYGTSPEGIGGYIHSHRPLGPGEFES
FIDVYAIRSAEGAPQKEVYFMGLIDILTQYDAKKKAAHAAKTVKHGAGAEISTVHPEQYAKRFLDFITNIFA
;
_entity_poly.pdbx_strand_id   A,B,C,D
#
# COMPACT_ATOMS: atom_id res chain seq x y z
N ASP A 16 -13.91 25.51 -24.17
CA ASP A 16 -14.09 24.07 -24.37
C ASP A 16 -14.24 23.37 -23.01
N PRO A 17 -15.49 23.04 -22.60
CA PRO A 17 -15.81 22.53 -21.24
C PRO A 17 -15.24 21.19 -20.77
N LEU A 18 -15.54 20.11 -21.46
CA LEU A 18 -15.02 18.80 -21.13
C LEU A 18 -13.57 18.65 -21.47
N VAL A 19 -13.22 18.99 -22.71
CA VAL A 19 -11.82 18.90 -23.14
C VAL A 19 -10.92 19.64 -22.15
N GLY A 20 -11.29 20.86 -21.84
CA GLY A 20 -10.58 21.69 -20.88
C GLY A 20 -10.64 21.16 -19.47
N VAL A 21 -11.69 20.41 -19.16
CA VAL A 21 -11.78 19.69 -17.89
C VAL A 21 -10.88 18.45 -17.93
N PHE A 22 -10.65 17.94 -19.13
CA PHE A 22 -9.78 16.80 -19.36
C PHE A 22 -8.36 17.10 -18.91
N LEU A 23 -7.84 18.24 -19.31
CA LEU A 23 -6.45 18.60 -19.00
C LEU A 23 -6.26 18.86 -17.51
N TRP A 24 -7.25 19.48 -16.88
CA TRP A 24 -7.18 19.72 -15.44
C TRP A 24 -6.82 18.42 -14.70
N GLY A 25 -7.52 17.35 -15.05
CA GLY A 25 -7.30 16.06 -14.41
C GLY A 25 -5.99 15.44 -14.82
N VAL A 26 -5.71 15.49 -16.14
CA VAL A 26 -4.45 15.00 -16.66
C VAL A 26 -3.27 15.56 -15.87
N ALA A 27 -3.19 16.88 -15.83
CA ALA A 27 -2.20 17.55 -15.01
C ALA A 27 -2.29 17.08 -13.55
N HIS A 28 -3.47 17.23 -12.97
CA HIS A 28 -3.71 16.82 -11.60
C HIS A 28 -3.12 15.43 -11.38
N SER A 29 -3.51 14.50 -12.25
CA SER A 29 -2.99 13.13 -12.14
C SER A 29 -1.47 13.13 -12.22
N ILE A 30 -0.94 13.54 -13.37
CA ILE A 30 0.51 13.55 -13.60
C ILE A 30 1.24 14.24 -12.45
N ASN A 31 0.61 15.27 -11.91
CA ASN A 31 1.17 16.03 -10.80
C ASN A 31 0.81 15.39 -9.46
N GLU A 32 -0.12 14.41 -9.50
CA GLU A 32 -0.47 13.68 -8.30
C GLU A 32 0.29 12.36 -8.21
N LEU A 33 0.42 11.69 -9.37
CA LEU A 33 1.17 10.46 -9.48
C LEU A 33 2.64 10.67 -9.08
N SER A 34 3.10 11.90 -9.24
CA SER A 34 4.51 12.26 -9.08
C SER A 34 4.99 12.03 -7.66
N GLN A 35 4.06 11.95 -6.71
CA GLN A 35 4.40 11.77 -5.31
C GLN A 35 4.31 10.33 -4.83
N VAL A 36 3.57 9.50 -5.55
CA VAL A 36 3.43 8.10 -5.15
C VAL A 36 4.58 7.29 -5.73
N PRO A 37 5.38 6.70 -4.84
CA PRO A 37 6.54 5.93 -5.27
C PRO A 37 6.13 4.79 -6.21
N PRO A 38 6.74 4.75 -7.38
CA PRO A 38 6.47 3.66 -8.35
C PRO A 38 6.87 2.31 -7.77
N PRO A 39 5.96 1.36 -7.89
CA PRO A 39 6.16 0.05 -7.21
C PRO A 39 7.32 -0.72 -7.81
N VAL A 40 7.43 -2.02 -7.40
CA VAL A 40 8.43 -2.90 -8.01
C VAL A 40 7.78 -3.91 -8.93
N MET A 41 6.52 -4.23 -8.65
CA MET A 41 5.76 -5.15 -9.49
C MET A 41 4.27 -4.81 -9.44
N LEU A 42 3.66 -4.63 -10.62
CA LEU A 42 2.25 -4.29 -10.72
C LEU A 42 1.37 -5.50 -10.39
N LEU A 43 0.47 -5.31 -9.41
CA LEU A 43 -0.37 -6.42 -8.97
C LEU A 43 -1.71 -6.43 -9.71
N PRO A 44 -2.28 -7.62 -9.82
CA PRO A 44 -3.50 -7.81 -10.61
C PRO A 44 -4.60 -6.81 -10.23
N ASP A 45 -4.80 -6.64 -8.92
CA ASP A 45 -5.84 -5.72 -8.44
C ASP A 45 -5.62 -4.32 -8.99
N ASP A 46 -4.37 -3.99 -9.27
CA ASP A 46 -4.05 -2.71 -9.89
C ASP A 46 -4.91 -2.51 -11.15
N PHE A 47 -5.11 -3.60 -11.87
CA PHE A 47 -5.87 -3.61 -13.12
C PHE A 47 -7.36 -3.37 -12.86
N LYS A 48 -7.72 -3.34 -11.59
CA LYS A 48 -9.10 -3.08 -11.17
C LYS A 48 -9.11 -1.83 -10.29
N ALA A 49 -8.05 -1.03 -10.42
CA ALA A 49 -7.91 0.20 -9.64
C ALA A 49 -8.46 1.40 -10.39
N SER A 50 -8.71 2.48 -9.65
CA SER A 50 -9.18 3.75 -10.22
C SER A 50 -9.01 4.89 -9.21
N SER A 51 -8.97 6.11 -9.69
CA SER A 51 -8.78 7.26 -8.80
C SER A 51 -9.63 8.45 -9.24
N LYS A 52 -10.80 8.61 -8.62
CA LYS A 52 -11.71 9.66 -9.03
C LYS A 52 -11.68 10.94 -8.15
N ILE A 53 -11.95 12.06 -8.81
CA ILE A 53 -11.99 13.36 -8.15
C ILE A 53 -13.29 14.10 -8.48
N LYS A 54 -14.05 14.44 -7.45
CA LYS A 54 -15.29 15.18 -7.60
C LYS A 54 -15.06 16.59 -7.05
N VAL A 55 -15.01 17.57 -7.95
CA VAL A 55 -14.76 18.96 -7.57
C VAL A 55 -16.01 19.81 -7.74
N ASN A 56 -16.32 20.58 -6.69
CA ASN A 56 -17.49 21.45 -6.74
C ASN A 56 -17.31 22.65 -5.82
N ASN A 57 -17.17 23.81 -6.43
CA ASN A 57 -17.08 25.07 -5.71
C ASN A 57 -18.31 25.93 -5.93
N HIS A 58 -18.74 26.66 -4.90
CA HIS A 58 -19.95 27.48 -5.02
C HIS A 58 -19.60 28.95 -5.20
N LEU A 59 -19.83 29.45 -6.42
CA LEU A 59 -19.63 30.87 -6.72
C LEU A 59 -18.13 31.22 -6.79
N PHE A 60 -17.24 30.28 -7.21
CA PHE A 60 -15.76 30.46 -7.14
C PHE A 60 -15.07 31.04 -8.39
N HIS A 61 -14.90 30.19 -9.41
CA HIS A 61 -14.50 30.65 -10.73
C HIS A 61 -15.57 30.30 -11.77
N ARG A 62 -15.37 30.78 -13.00
CA ARG A 62 -16.12 30.28 -14.15
C ARG A 62 -15.27 30.37 -15.40
N GLU A 63 -14.20 31.16 -15.34
CA GLU A 63 -13.55 31.75 -16.51
C GLU A 63 -13.08 30.67 -17.47
N ASN A 64 -12.63 29.54 -16.93
CA ASN A 64 -12.10 28.44 -17.77
C ASN A 64 -12.74 27.07 -17.47
N LEU A 65 -12.74 26.69 -16.20
CA LEU A 65 -13.26 25.38 -15.82
C LEU A 65 -14.64 25.42 -15.14
N PRO A 66 -15.49 24.53 -15.62
CA PRO A 66 -16.86 24.36 -15.11
C PRO A 66 -16.89 24.32 -13.59
N SER A 67 -18.06 24.48 -13.00
CA SER A 67 -18.19 24.54 -11.56
C SER A 67 -18.66 23.21 -10.99
N HIS A 68 -19.01 22.28 -11.87
CA HIS A 68 -19.64 21.03 -11.50
C HIS A 68 -19.07 19.86 -12.27
N PHE A 69 -17.73 19.79 -12.38
CA PHE A 69 -17.12 18.73 -13.17
C PHE A 69 -16.65 17.59 -12.27
N LYS A 70 -16.27 16.48 -12.90
CA LYS A 70 -15.60 15.38 -12.22
C LYS A 70 -14.46 14.82 -13.08
N PHE A 71 -13.68 13.91 -12.52
CA PHE A 71 -12.56 13.31 -13.24
C PHE A 71 -12.28 11.90 -12.74
N LYS A 72 -12.03 10.99 -13.68
CA LYS A 72 -11.70 9.61 -13.34
C LYS A 72 -10.51 9.12 -14.15
N GLU A 73 -9.42 8.82 -13.45
CA GLU A 73 -8.24 8.21 -14.04
C GLU A 73 -8.23 6.70 -13.80
N TYR A 74 -8.25 5.92 -14.88
CA TYR A 74 -8.34 4.47 -14.76
C TYR A 74 -6.97 3.82 -14.64
N CYS A 75 -6.83 2.92 -13.66
CA CYS A 75 -5.61 2.16 -13.45
C CYS A 75 -4.38 3.04 -13.61
N PRO A 76 -4.14 3.89 -12.62
CA PRO A 76 -3.03 4.85 -12.70
C PRO A 76 -1.68 4.16 -12.85
N GLN A 77 -1.37 3.20 -12.00
CA GLN A 77 -0.03 2.59 -11.97
C GLN A 77 0.31 1.96 -13.32
N VAL A 78 -0.56 1.08 -13.79
CA VAL A 78 -0.34 0.36 -15.04
C VAL A 78 0.05 1.32 -16.17
N PHE A 79 -0.82 2.32 -16.40
CA PHE A 79 -0.55 3.34 -17.42
C PHE A 79 0.66 4.18 -17.03
N ARG A 80 0.85 4.37 -15.72
CA ARG A 80 2.12 4.94 -15.26
C ARG A 80 3.28 4.13 -15.84
N ASN A 81 3.15 2.81 -15.77
CA ASN A 81 4.18 1.90 -16.22
C ASN A 81 4.20 1.77 -17.75
N LEU A 82 3.02 1.68 -18.35
CA LEU A 82 2.92 1.57 -19.80
C LEU A 82 3.43 2.84 -20.49
N ARG A 83 3.57 3.91 -19.69
CA ARG A 83 4.13 5.15 -20.23
C ARG A 83 5.64 5.10 -20.21
N ASP A 84 6.20 4.96 -19.00
CA ASP A 84 7.65 4.86 -18.86
C ASP A 84 8.22 3.78 -19.77
N ARG A 85 7.41 2.75 -20.01
CA ARG A 85 7.78 1.62 -20.85
C ARG A 85 7.70 1.97 -22.34
N PHE A 86 6.92 2.98 -22.69
CA PHE A 86 6.84 3.46 -24.07
C PHE A 86 7.76 4.65 -24.28
N GLY A 87 8.64 4.90 -23.31
CA GLY A 87 9.58 6.00 -23.36
C GLY A 87 8.89 7.35 -23.43
N ILE A 88 8.10 7.67 -22.40
CA ILE A 88 7.41 8.95 -22.31
C ILE A 88 7.33 9.43 -20.86
N ASP A 89 8.14 10.44 -20.54
CA ASP A 89 8.18 10.97 -19.17
C ASP A 89 6.88 11.72 -18.85
N ASP A 90 6.27 11.36 -17.75
CA ASP A 90 5.03 11.92 -17.25
C ASP A 90 4.98 13.42 -17.45
N GLN A 91 6.10 14.09 -17.20
CA GLN A 91 6.21 15.51 -17.51
C GLN A 91 6.07 15.73 -19.01
N ASP A 92 6.91 15.04 -19.78
CA ASP A 92 6.78 15.04 -21.23
C ASP A 92 5.34 14.77 -21.64
N TYR A 93 4.83 13.61 -21.24
CA TYR A 93 3.43 13.27 -21.45
C TYR A 93 2.51 14.43 -21.00
N LEU A 94 2.85 15.03 -19.87
CA LEU A 94 2.04 16.11 -19.31
C LEU A 94 2.06 17.36 -20.17
N VAL A 95 3.23 17.98 -20.28
CA VAL A 95 3.35 19.28 -20.92
C VAL A 95 2.77 19.27 -22.33
N SER A 96 2.96 18.18 -23.06
CA SER A 96 2.54 18.13 -24.46
C SER A 96 1.03 17.95 -24.61
N LEU A 97 0.43 17.38 -23.55
CA LEU A 97 -1.00 17.06 -23.58
C LEU A 97 -1.85 18.20 -23.05
N THR A 98 -1.23 19.12 -22.33
CA THR A 98 -1.98 20.12 -21.56
C THR A 98 -1.46 21.53 -21.76
N ARG A 99 -0.14 21.67 -21.85
CA ARG A 99 0.50 22.98 -21.94
C ARG A 99 -0.22 23.87 -22.95
N ASN A 100 -0.63 23.28 -24.06
CA ASN A 100 -1.26 24.03 -25.15
C ASN A 100 -2.51 23.33 -25.67
N PRO A 101 -3.56 24.12 -25.90
CA PRO A 101 -4.85 23.60 -26.36
C PRO A 101 -4.67 22.68 -27.57
N PRO A 102 -5.28 21.51 -27.49
CA PRO A 102 -5.15 20.50 -28.55
C PRO A 102 -6.07 20.78 -29.73
N SER A 103 -5.59 20.40 -30.92
CA SER A 103 -6.37 20.53 -32.12
C SER A 103 -7.04 19.21 -32.50
N GLU A 104 -8.23 19.30 -33.09
CA GLU A 104 -8.98 18.08 -33.44
C GLU A 104 -8.62 17.60 -34.85
N SER A 105 -8.90 16.32 -35.09
CA SER A 105 -8.72 15.74 -36.43
C SER A 105 -9.83 14.74 -36.75
N GLU A 106 -9.78 14.17 -37.95
CA GLU A 106 -10.82 13.26 -38.41
C GLU A 106 -10.71 11.89 -37.74
N PHE A 112 -10.07 12.02 -30.50
CA PHE A 112 -8.84 12.29 -31.23
C PHE A 112 -8.13 13.53 -30.70
N LEU A 113 -8.44 14.66 -31.26
CA LEU A 113 -7.83 15.93 -30.88
C LEU A 113 -6.30 15.93 -30.84
N ILE A 114 -5.68 15.84 -32.01
CA ILE A 114 -4.22 15.72 -32.09
C ILE A 114 -3.59 16.80 -31.20
N SER A 115 -2.74 16.37 -30.27
CA SER A 115 -2.09 17.30 -29.35
C SER A 115 -1.46 18.46 -30.11
N TYR A 116 -1.09 19.49 -29.37
CA TYR A 116 -0.48 20.69 -29.95
C TYR A 116 0.94 20.41 -30.43
N ASP A 117 1.53 19.33 -29.93
CA ASP A 117 2.87 18.92 -30.31
C ASP A 117 2.84 18.01 -31.54
N ARG A 118 1.65 17.48 -31.84
CA ARG A 118 1.52 16.48 -32.90
C ARG A 118 2.24 15.20 -32.49
N THR A 119 2.48 15.07 -31.20
CA THR A 119 3.12 13.89 -30.63
C THR A 119 2.08 12.90 -30.12
N LEU A 120 1.06 13.40 -29.45
CA LEU A 120 0.08 12.53 -28.80
C LEU A 120 -1.30 12.63 -29.46
N VAL A 121 -2.06 11.55 -29.33
CA VAL A 121 -3.44 11.50 -29.78
C VAL A 121 -4.39 11.14 -28.63
N ILE A 122 -5.53 11.81 -28.57
CA ILE A 122 -6.52 11.51 -27.53
C ILE A 122 -7.87 11.17 -28.13
N LYS A 123 -8.09 9.88 -28.39
CA LYS A 123 -9.35 9.43 -28.99
C LYS A 123 -10.44 9.31 -27.94
N GLU A 124 -11.69 9.56 -28.36
CA GLU A 124 -12.84 9.28 -27.50
C GLU A 124 -13.33 7.85 -27.73
N VAL A 125 -13.90 7.25 -26.70
CA VAL A 125 -14.42 5.88 -26.83
C VAL A 125 -15.59 5.64 -25.89
N SER A 126 -16.54 4.85 -26.35
CA SER A 126 -17.74 4.54 -25.58
C SER A 126 -17.38 3.75 -24.34
N SER A 127 -18.25 3.86 -23.32
CA SER A 127 -18.08 3.12 -22.08
C SER A 127 -17.88 1.63 -22.34
N GLU A 128 -18.51 1.13 -23.40
CA GLU A 128 -18.31 -0.26 -23.82
C GLU A 128 -16.90 -0.42 -24.39
N ASP A 129 -16.52 0.52 -25.25
CA ASP A 129 -15.15 0.59 -25.75
C ASP A 129 -14.14 0.35 -24.63
N ILE A 130 -14.45 0.90 -23.46
CA ILE A 130 -13.58 0.82 -22.30
C ILE A 130 -13.60 -0.58 -21.67
N ALA A 131 -14.80 -1.14 -21.53
CA ALA A 131 -14.99 -2.44 -20.91
C ALA A 131 -14.04 -3.47 -21.50
N ASP A 132 -13.96 -3.51 -22.83
CA ASP A 132 -12.94 -4.32 -23.50
C ASP A 132 -11.53 -3.97 -23.01
N MET A 133 -11.26 -2.67 -22.92
CA MET A 133 -9.94 -2.16 -22.58
C MET A 133 -9.44 -2.71 -21.26
N HIS A 134 -10.35 -2.92 -20.32
CA HIS A 134 -9.98 -3.44 -19.02
C HIS A 134 -9.58 -4.91 -19.05
N SER A 135 -10.06 -5.57 -20.08
CA SER A 135 -9.63 -6.90 -20.35
C SER A 135 -8.28 -6.66 -21.03
N ASN A 136 -8.34 -5.94 -22.14
CA ASN A 136 -7.17 -5.67 -22.93
C ASN A 136 -5.91 -5.25 -22.17
N LEU A 137 -6.08 -4.62 -21.00
CA LEU A 137 -4.93 -4.19 -20.24
C LEU A 137 -4.11 -5.35 -19.68
N SER A 138 -4.78 -6.34 -19.08
CA SER A 138 -4.09 -7.44 -18.42
C SER A 138 -3.04 -8.08 -19.34
N ASN A 139 -3.52 -8.75 -20.38
CA ASN A 139 -2.64 -9.41 -21.34
C ASN A 139 -1.82 -8.40 -22.13
N TYR A 140 -2.47 -7.32 -22.55
CA TYR A 140 -1.78 -6.31 -23.35
C TYR A 140 -0.50 -5.84 -22.66
N HIS A 141 -0.56 -5.69 -21.33
CA HIS A 141 0.58 -5.16 -20.59
C HIS A 141 1.69 -6.20 -20.45
N GLN A 142 1.35 -7.40 -19.98
CA GLN A 142 2.36 -8.45 -19.85
C GLN A 142 3.07 -8.68 -21.18
N TYR A 143 2.29 -8.72 -22.25
CA TYR A 143 2.83 -8.76 -23.60
C TYR A 143 3.92 -7.70 -23.77
N ILE A 144 3.52 -6.45 -23.54
CA ILE A 144 4.35 -5.26 -23.70
C ILE A 144 5.64 -5.36 -22.89
N VAL A 145 5.58 -5.99 -21.74
CA VAL A 145 6.79 -6.23 -20.95
C VAL A 145 7.73 -7.12 -21.73
N LYS A 146 7.19 -8.23 -22.25
CA LYS A 146 7.95 -9.23 -22.98
C LYS A 146 8.67 -8.63 -24.19
N CYS A 147 7.88 -7.99 -25.06
CA CYS A 147 8.41 -7.38 -26.27
C CYS A 147 9.09 -6.05 -26.00
N HIS A 148 9.23 -5.71 -24.72
CA HIS A 148 9.85 -4.43 -24.34
C HIS A 148 9.10 -3.24 -24.96
N GLY A 149 7.79 -3.24 -24.79
CA GLY A 149 6.94 -2.13 -25.20
C GLY A 149 7.33 -1.53 -26.53
N ASN A 150 7.49 -2.37 -27.55
CA ASN A 150 7.77 -1.84 -28.88
C ASN A 150 7.21 -2.76 -29.96
N THR A 151 5.88 -2.58 -30.18
CA THR A 151 5.16 -3.29 -31.22
C THR A 151 4.69 -2.32 -32.31
N LEU A 152 3.91 -2.84 -33.26
CA LEU A 152 3.24 -2.00 -34.24
C LEU A 152 1.80 -1.72 -33.79
N LEU A 153 1.58 -1.89 -32.49
CA LEU A 153 0.30 -1.61 -31.86
C LEU A 153 0.24 -0.17 -31.35
N PRO A 154 -0.97 0.31 -31.06
CA PRO A 154 -1.12 1.62 -30.41
C PRO A 154 -0.49 1.63 -29.03
N GLN A 155 -0.01 2.80 -28.60
CA GLN A 155 0.59 2.91 -27.27
C GLN A 155 -0.37 3.54 -26.26
N PHE A 156 -1.19 2.71 -25.61
CA PHE A 156 -2.13 3.23 -24.61
C PHE A 156 -1.37 3.88 -23.46
N LEU A 157 -1.25 5.22 -23.54
CA LEU A 157 -0.49 5.96 -22.53
C LEU A 157 -1.38 6.41 -21.38
N GLY A 158 -2.70 6.36 -21.59
CA GLY A 158 -3.62 6.75 -20.53
C GLY A 158 -5.07 6.48 -20.88
N MET A 159 -5.90 6.43 -19.85
CA MET A 159 -7.33 6.18 -19.99
C MET A 159 -8.02 6.98 -18.89
N TYR A 160 -8.96 7.84 -19.28
CA TYR A 160 -9.65 8.67 -18.32
C TYR A 160 -11.14 8.81 -18.67
N ARG A 161 -11.92 9.32 -17.73
CA ARG A 161 -13.32 9.64 -17.98
C ARG A 161 -13.71 10.96 -17.30
N VAL A 162 -13.78 12.03 -18.08
CA VAL A 162 -14.19 13.34 -17.54
C VAL A 162 -15.69 13.55 -17.76
N SER A 163 -16.43 13.49 -16.65
CA SER A 163 -17.87 13.72 -16.67
C SER A 163 -18.19 15.18 -16.37
N VAL A 164 -18.55 15.92 -17.42
CA VAL A 164 -18.88 17.33 -17.26
C VAL A 164 -20.36 17.58 -17.52
N ASP A 165 -21.00 18.28 -16.59
CA ASP A 165 -22.41 18.63 -16.71
C ASP A 165 -23.30 17.39 -16.73
N ASN A 166 -23.06 16.48 -15.78
CA ASN A 166 -23.82 15.26 -15.62
C ASN A 166 -23.71 14.36 -16.85
N GLU A 167 -22.68 14.59 -17.66
CA GLU A 167 -22.48 13.82 -18.88
C GLU A 167 -21.09 13.18 -18.92
N ASP A 168 -21.04 11.88 -18.63
CA ASP A 168 -19.79 11.13 -18.67
C ASP A 168 -19.23 11.05 -20.09
N SER A 169 -17.91 11.24 -20.21
CA SER A 169 -17.26 11.09 -21.51
C SER A 169 -15.91 10.40 -21.37
N TYR A 170 -15.72 9.33 -22.14
CA TYR A 170 -14.55 8.47 -22.01
C TYR A 170 -13.46 8.84 -23.01
N MET A 171 -12.32 9.30 -22.51
CA MET A 171 -11.19 9.66 -23.36
C MET A 171 -10.03 8.69 -23.17
N LEU A 172 -9.34 8.38 -24.26
CA LEU A 172 -8.18 7.48 -24.18
C LEU A 172 -7.03 7.99 -25.04
N VAL A 173 -5.90 8.27 -24.38
CA VAL A 173 -4.77 8.93 -25.02
C VAL A 173 -3.75 7.92 -25.55
N MET A 174 -3.31 8.14 -26.78
CA MET A 174 -2.30 7.27 -27.40
C MET A 174 -1.28 8.08 -28.21
N ARG A 175 -0.14 7.47 -28.47
CA ARG A 175 0.92 8.08 -29.27
C ARG A 175 0.50 8.23 -30.71
N ASN A 176 0.72 9.42 -31.28
CA ASN A 176 0.48 9.62 -32.70
C ASN A 176 1.37 8.70 -33.52
N MET A 177 0.76 7.74 -34.21
CA MET A 177 1.55 6.82 -35.03
C MET A 177 2.34 7.57 -36.10
N PHE A 178 1.90 8.80 -36.38
CA PHE A 178 2.63 9.68 -37.29
C PHE A 178 3.67 10.51 -36.52
N SER A 179 4.46 11.28 -37.26
CA SER A 179 5.49 12.10 -36.65
C SER A 179 5.10 13.58 -36.64
N HIS A 180 5.45 14.27 -35.56
CA HIS A 180 5.13 15.68 -35.37
C HIS A 180 5.90 16.58 -36.32
N ARG A 181 6.83 15.97 -37.06
CA ARG A 181 7.62 16.72 -38.03
C ARG A 181 7.28 16.29 -39.45
N LEU A 182 7.76 15.11 -39.84
CA LEU A 182 7.52 14.59 -41.17
C LEU A 182 6.02 14.40 -41.42
N PRO A 183 5.47 15.26 -42.26
CA PRO A 183 4.03 15.23 -42.55
C PRO A 183 3.66 14.20 -43.61
N VAL A 184 2.58 13.46 -43.37
CA VAL A 184 2.12 12.48 -44.34
C VAL A 184 1.61 13.17 -45.62
N HIS A 185 1.85 12.54 -46.77
CA HIS A 185 1.24 12.96 -48.02
C HIS A 185 0.30 11.87 -48.53
N ARG A 186 0.48 10.66 -48.02
CA ARG A 186 -0.33 9.52 -48.41
C ARG A 186 -0.49 8.51 -47.28
N LYS A 187 -1.74 8.13 -47.03
CA LYS A 187 -2.06 7.15 -45.98
C LYS A 187 -3.01 6.09 -46.49
N TYR A 188 -2.67 4.83 -46.23
CA TYR A 188 -3.48 3.70 -46.69
C TYR A 188 -4.17 3.01 -45.52
N ASP A 189 -5.37 2.49 -45.76
CA ASP A 189 -6.10 1.72 -44.76
C ASP A 189 -6.23 0.26 -45.19
N LEU A 190 -5.15 -0.51 -44.95
CA LEU A 190 -5.03 -1.86 -45.51
C LEU A 190 -5.55 -2.93 -44.56
N LYS A 191 -6.58 -3.63 -45.02
CA LYS A 191 -7.20 -4.72 -44.26
C LYS A 191 -7.01 -6.05 -44.96
N GLY A 192 -7.72 -6.29 -46.05
CA GLY A 192 -7.60 -7.52 -46.80
C GLY A 192 -8.92 -7.91 -47.47
N THR A 210 -7.76 8.64 -47.63
CA THR A 210 -8.31 7.57 -46.80
C THR A 210 -8.35 6.27 -47.60
N LEU A 211 -7.72 6.27 -48.77
CA LEU A 211 -7.69 5.06 -49.60
C LEU A 211 -7.54 3.79 -48.76
N ARG A 212 -8.47 2.85 -48.94
CA ARG A 212 -8.42 1.59 -48.20
C ARG A 212 -7.67 0.57 -49.05
N ASP A 213 -7.78 -0.71 -48.70
CA ASP A 213 -6.94 -1.76 -49.26
C ASP A 213 -7.33 -2.07 -50.70
N MET A 214 -8.49 -1.59 -51.11
CA MET A 214 -8.98 -1.81 -52.47
C MET A 214 -8.29 -0.90 -53.49
N ASP A 215 -7.90 0.29 -53.04
CA ASP A 215 -7.23 1.26 -53.90
C ASP A 215 -5.73 0.96 -54.00
N ASN A 218 -4.23 -0.01 -56.65
CA ASN A 218 -3.84 -0.07 -58.05
C ASN A 218 -2.74 0.92 -58.41
N LYS A 219 -2.47 1.84 -57.48
CA LYS A 219 -1.45 2.86 -57.70
C LYS A 219 -0.05 2.28 -57.52
N ASN A 220 0.03 0.97 -57.32
CA ASN A 220 1.31 0.27 -57.30
C ASN A 220 2.16 0.64 -56.09
N GLN A 221 1.75 0.16 -54.91
CA GLN A 221 2.41 0.53 -53.67
C GLN A 221 3.91 0.24 -53.74
N LYS A 222 4.65 0.75 -52.77
CA LYS A 222 6.10 0.58 -52.73
C LYS A 222 6.59 -0.32 -51.60
N VAL A 223 6.94 -1.55 -51.95
CA VAL A 223 7.45 -2.52 -50.98
C VAL A 223 8.94 -2.76 -51.22
N TYR A 224 9.76 -1.82 -50.75
CA TYR A 224 11.20 -1.90 -50.92
C TYR A 224 11.92 -0.98 -49.93
N ILE A 225 12.84 -1.56 -49.16
CA ILE A 225 13.59 -0.79 -48.18
C ILE A 225 14.64 -1.65 -47.49
N LYS A 230 13.60 -4.81 -43.69
CA LYS A 230 12.23 -5.30 -43.83
C LYS A 230 11.94 -6.42 -42.84
N LYS A 231 12.87 -7.34 -42.70
CA LYS A 231 12.70 -8.46 -41.75
C LYS A 231 12.40 -7.92 -40.36
N ILE A 232 12.90 -6.73 -40.07
CA ILE A 232 12.69 -6.09 -38.78
C ILE A 232 11.21 -5.79 -38.53
N PHE A 233 10.68 -4.86 -39.33
CA PHE A 233 9.26 -4.50 -39.21
C PHE A 233 8.37 -5.74 -39.25
N LEU A 234 8.82 -6.73 -40.02
CA LEU A 234 8.13 -8.01 -40.07
C LEU A 234 8.29 -8.78 -38.76
N GLU A 235 9.41 -8.55 -38.06
CA GLU A 235 9.59 -9.13 -36.73
C GLU A 235 8.42 -8.75 -35.83
N LYS A 236 8.05 -7.47 -35.82
CA LYS A 236 6.96 -6.98 -34.98
C LYS A 236 5.55 -7.39 -35.41
N LEU A 237 5.22 -7.15 -36.68
CA LEU A 237 3.89 -7.46 -37.18
C LEU A 237 3.55 -8.94 -37.03
N LYS A 238 4.55 -9.79 -37.17
CA LYS A 238 4.35 -11.24 -37.07
C LYS A 238 3.92 -11.72 -35.68
N ARG A 239 4.54 -11.15 -34.65
CA ARG A 239 4.25 -11.53 -33.27
C ARG A 239 3.08 -10.73 -32.70
N ASP A 240 3.05 -9.44 -33.00
CA ASP A 240 1.97 -8.58 -32.53
C ASP A 240 0.61 -9.19 -32.83
N VAL A 241 0.33 -9.41 -34.11
CA VAL A 241 -0.92 -10.07 -34.51
C VAL A 241 -1.04 -11.43 -33.83
N GLU A 242 0.07 -12.13 -33.73
CA GLU A 242 0.10 -13.44 -33.10
C GLU A 242 -0.54 -13.26 -31.73
N PHE A 243 -0.19 -12.17 -31.07
CA PHE A 243 -0.76 -11.86 -29.76
C PHE A 243 -2.18 -11.32 -29.92
N LEU A 244 -2.35 -10.37 -30.84
CA LEU A 244 -3.65 -9.78 -31.11
C LEU A 244 -4.69 -10.83 -31.48
N VAL A 245 -4.22 -11.98 -31.96
CA VAL A 245 -5.10 -13.09 -32.33
C VAL A 245 -5.34 -13.95 -31.09
N GLN A 246 -4.34 -14.01 -30.21
CA GLN A 246 -4.46 -14.79 -28.98
C GLN A 246 -5.70 -14.41 -28.21
N LEU A 247 -6.05 -13.12 -28.25
CA LEU A 247 -7.23 -12.64 -27.52
C LEU A 247 -8.49 -12.87 -28.34
N LYS A 248 -8.33 -13.69 -29.42
CA LYS A 248 -9.40 -14.02 -30.36
C LYS A 248 -9.78 -12.83 -31.24
N ILE A 249 -9.19 -11.67 -30.93
CA ILE A 249 -9.53 -10.39 -31.51
C ILE A 249 -9.93 -10.38 -32.97
N MET A 250 -11.08 -9.78 -33.25
CA MET A 250 -11.56 -9.63 -34.62
C MET A 250 -10.95 -8.35 -35.21
N ASP A 251 -11.56 -7.86 -36.27
CA ASP A 251 -10.90 -7.29 -37.44
C ASP A 251 -10.00 -6.12 -37.06
N TYR A 252 -8.85 -6.02 -37.70
CA TYR A 252 -7.86 -5.01 -37.35
C TYR A 252 -6.99 -4.65 -38.54
N SER A 253 -6.93 -3.36 -38.87
CA SER A 253 -6.29 -2.91 -40.09
C SER A 253 -4.83 -2.52 -39.82
N LEU A 254 -4.15 -2.09 -40.91
CA LEU A 254 -2.81 -1.54 -40.77
C LEU A 254 -2.74 -0.14 -41.36
N LEU A 255 -2.22 0.81 -40.58
CA LEU A 255 -2.15 2.21 -41.00
C LEU A 255 -0.95 2.44 -41.89
N LEU A 256 -1.13 3.25 -42.94
CA LEU A 256 0.00 3.55 -43.83
C LEU A 256 0.25 5.06 -43.86
N GLY A 257 1.53 5.43 -43.79
CA GLY A 257 1.93 6.83 -43.86
C GLY A 257 2.97 7.06 -44.94
N ILE A 258 2.96 8.25 -45.55
CA ILE A 258 3.91 8.57 -46.62
C ILE A 258 4.30 10.05 -46.57
N HIS A 259 5.53 10.35 -46.99
CA HIS A 259 6.04 11.71 -46.87
C HIS A 259 6.84 12.12 -48.11
N ASP A 260 6.34 13.17 -48.80
CA ASP A 260 7.04 13.77 -49.93
C ASP A 260 8.05 14.80 -49.47
N ILE A 261 9.32 14.56 -49.81
CA ILE A 261 10.39 15.48 -49.44
C ILE A 261 10.74 16.42 -50.58
N GLU A 337 12.57 8.05 -48.68
CA GLU A 337 11.24 7.49 -48.59
C GLU A 337 10.77 7.37 -47.14
N VAL A 338 9.76 8.16 -46.78
CA VAL A 338 9.24 8.14 -45.43
C VAL A 338 7.83 7.53 -45.37
N TYR A 339 7.74 6.38 -44.69
CA TYR A 339 6.46 5.70 -44.55
C TYR A 339 6.16 5.33 -43.10
N PHE A 340 5.03 5.81 -42.60
CA PHE A 340 4.59 5.53 -41.24
C PHE A 340 3.44 4.53 -41.22
N MET A 341 3.73 3.33 -40.76
CA MET A 341 2.72 2.28 -40.72
C MET A 341 2.81 1.47 -39.43
N GLY A 342 1.72 0.84 -39.08
CA GLY A 342 1.61 0.02 -37.88
C GLY A 342 0.18 -0.45 -37.64
N LEU A 343 0.04 -1.56 -36.92
CA LEU A 343 -1.27 -2.13 -36.66
C LEU A 343 -2.12 -1.20 -35.79
N ILE A 344 -3.33 -0.90 -36.26
CA ILE A 344 -4.14 0.14 -35.65
C ILE A 344 -5.43 -0.42 -35.05
N ASP A 345 -6.32 -0.89 -35.92
CA ASP A 345 -7.64 -1.35 -35.46
C ASP A 345 -7.52 -2.64 -34.66
N ILE A 346 -6.83 -2.58 -33.53
CA ILE A 346 -6.69 -3.73 -32.64
C ILE A 346 -7.93 -3.97 -31.82
N LEU A 347 -9.02 -3.28 -32.12
CA LEU A 347 -10.31 -3.46 -31.44
C LEU A 347 -11.46 -2.98 -32.34
N HIS A 375 -13.27 -15.76 -37.25
CA HIS A 375 -12.31 -16.50 -36.42
C HIS A 375 -10.91 -15.87 -36.51
N PRO A 376 -10.18 -16.00 -35.42
CA PRO A 376 -8.86 -15.37 -35.33
C PRO A 376 -7.77 -15.71 -36.34
N GLU A 377 -7.50 -17.00 -36.52
CA GLU A 377 -6.54 -17.45 -37.51
C GLU A 377 -6.96 -17.03 -38.92
N GLN A 378 -8.26 -17.00 -39.16
CA GLN A 378 -8.79 -17.08 -40.52
C GLN A 378 -8.37 -15.87 -41.35
N TYR A 379 -8.88 -14.69 -40.96
CA TYR A 379 -8.58 -13.47 -41.68
C TYR A 379 -7.24 -12.88 -41.23
N ALA A 380 -6.65 -13.48 -40.21
CA ALA A 380 -5.29 -13.16 -39.81
C ALA A 380 -4.32 -13.41 -40.96
N LYS A 381 -4.28 -14.64 -41.47
CA LYS A 381 -3.37 -14.99 -42.57
C LYS A 381 -3.63 -14.22 -43.86
N ARG A 382 -4.77 -13.54 -43.92
CA ARG A 382 -5.06 -12.61 -45.00
C ARG A 382 -4.27 -11.31 -44.85
N PHE A 383 -4.01 -10.94 -43.60
CA PHE A 383 -3.45 -9.62 -43.30
C PHE A 383 -1.95 -9.59 -43.54
N LEU A 384 -1.19 -10.18 -42.61
CA LEU A 384 0.25 -10.32 -42.78
C LEU A 384 0.61 -10.62 -44.23
N ASP A 385 -0.08 -11.60 -44.82
CA ASP A 385 0.15 -11.97 -46.21
C ASP A 385 -0.19 -10.82 -47.16
N PHE A 386 -1.33 -10.19 -46.91
CA PHE A 386 -1.77 -9.06 -47.74
C PHE A 386 -0.86 -7.85 -47.56
N ILE A 387 -0.37 -7.67 -46.33
CA ILE A 387 0.53 -6.56 -46.05
C ILE A 387 1.98 -6.97 -46.32
N THR A 388 2.16 -8.19 -46.81
CA THR A 388 3.45 -8.67 -47.29
C THR A 388 3.65 -8.33 -48.77
N ASP B 16 8.19 -9.75 -11.34
CA ASP B 16 7.45 -10.97 -11.73
C ASP B 16 6.45 -11.37 -10.65
N PRO B 17 5.18 -11.07 -10.90
CA PRO B 17 4.12 -11.35 -9.92
C PRO B 17 3.95 -12.77 -9.40
N LEU B 18 3.59 -13.67 -10.32
CA LEU B 18 3.35 -15.06 -9.93
C LEU B 18 4.57 -15.71 -9.27
N VAL B 19 5.75 -15.26 -9.66
CA VAL B 19 6.99 -15.80 -9.08
C VAL B 19 7.05 -15.52 -7.59
N GLY B 20 6.62 -14.31 -7.20
CA GLY B 20 6.66 -13.86 -5.82
C GLY B 20 5.96 -14.80 -4.86
N VAL B 21 4.73 -15.19 -5.21
CA VAL B 21 4.02 -16.22 -4.46
C VAL B 21 4.81 -17.52 -4.45
N PHE B 22 5.59 -17.74 -5.52
CA PHE B 22 6.37 -18.96 -5.67
C PHE B 22 7.40 -19.11 -4.55
N LEU B 23 8.07 -18.00 -4.23
CA LEU B 23 9.10 -18.04 -3.18
C LEU B 23 8.48 -18.03 -1.79
N TRP B 24 7.31 -17.39 -1.67
CA TRP B 24 6.60 -17.32 -0.41
C TRP B 24 6.19 -18.72 0.05
N GLY B 25 5.49 -19.46 -0.81
CA GLY B 25 5.13 -20.84 -0.51
C GLY B 25 6.36 -21.65 -0.17
N VAL B 26 7.26 -21.77 -1.14
CA VAL B 26 8.48 -22.56 -1.00
C VAL B 26 9.18 -22.26 0.31
N ALA B 27 9.36 -20.96 0.59
CA ALA B 27 9.80 -20.55 1.91
C ALA B 27 8.83 -21.12 2.95
N HIS B 28 7.55 -20.83 2.78
CA HIS B 28 6.52 -21.31 3.70
C HIS B 28 6.66 -22.81 3.98
N SER B 29 6.61 -23.61 2.92
CA SER B 29 6.72 -25.06 3.05
C SER B 29 8.01 -25.47 3.75
N ILE B 30 9.13 -24.92 3.31
CA ILE B 30 10.42 -25.26 3.88
C ILE B 30 10.40 -25.16 5.40
N ASN B 31 9.55 -24.28 5.92
CA ASN B 31 9.41 -24.09 7.36
C ASN B 31 8.42 -25.12 7.90
N GLU B 32 7.29 -25.27 7.22
CA GLU B 32 6.28 -26.23 7.63
C GLU B 32 6.86 -27.64 7.70
N LEU B 33 7.52 -28.05 6.63
CA LEU B 33 8.18 -29.36 6.62
C LEU B 33 9.17 -29.49 7.77
N SER B 34 9.71 -28.36 8.18
CA SER B 34 10.67 -28.36 9.29
C SER B 34 10.06 -28.92 10.57
N GLN B 35 8.75 -28.71 10.72
CA GLN B 35 8.02 -29.18 11.87
C GLN B 35 7.70 -30.67 11.76
N VAL B 36 7.69 -31.19 10.53
CA VAL B 36 7.38 -32.59 10.29
C VAL B 36 8.60 -33.50 10.25
N PRO B 37 8.85 -34.21 11.34
CA PRO B 37 9.98 -35.14 11.41
C PRO B 37 10.05 -36.04 10.19
N PRO B 38 11.14 -35.96 9.45
CA PRO B 38 11.29 -36.71 8.21
C PRO B 38 11.00 -38.19 8.42
N PRO B 39 10.14 -38.74 7.55
CA PRO B 39 9.72 -40.13 7.68
C PRO B 39 10.82 -41.12 7.34
N VAL B 40 11.18 -41.94 8.31
CA VAL B 40 12.13 -43.03 8.09
C VAL B 40 11.60 -43.99 7.02
N MET B 41 10.28 -44.05 6.92
CA MET B 41 9.62 -44.94 5.97
C MET B 41 8.62 -44.16 5.10
N LEU B 42 8.65 -44.42 3.79
CA LEU B 42 7.75 -43.74 2.87
C LEU B 42 6.60 -44.65 2.44
N LEU B 43 5.41 -44.37 2.95
CA LEU B 43 4.22 -45.10 2.54
C LEU B 43 3.64 -44.53 1.24
N PRO B 44 2.87 -45.35 0.53
CA PRO B 44 2.31 -44.94 -0.76
C PRO B 44 1.53 -43.63 -0.65
N ASP B 45 0.78 -43.50 0.43
CA ASP B 45 -0.17 -42.40 0.60
C ASP B 45 0.47 -41.04 0.35
N ASP B 46 1.77 -40.95 0.62
CA ASP B 46 2.51 -39.73 0.30
C ASP B 46 2.48 -39.42 -1.19
N PHE B 47 2.54 -40.48 -2.01
CA PHE B 47 2.48 -40.30 -3.46
C PHE B 47 1.10 -39.80 -3.89
N LYS B 48 0.23 -39.63 -2.91
CA LYS B 48 -1.11 -39.10 -3.14
C LYS B 48 -1.28 -37.92 -2.16
N ALA B 49 -0.16 -37.40 -1.68
CA ALA B 49 -0.16 -36.30 -0.73
C ALA B 49 -0.25 -34.95 -1.45
N SER B 50 -0.57 -33.88 -0.73
CA SER B 50 -0.65 -32.57 -1.37
C SER B 50 -0.82 -31.52 -0.29
N SER B 51 -0.80 -30.25 -0.63
CA SER B 51 -0.94 -29.24 0.41
C SER B 51 -1.25 -27.90 -0.20
N LYS B 52 -2.36 -27.31 0.20
CA LYS B 52 -2.71 -26.00 -0.38
C LYS B 52 -2.83 -24.90 0.69
N ILE B 53 -2.50 -23.66 0.32
CA ILE B 53 -2.58 -22.53 1.24
C ILE B 53 -3.30 -21.36 0.59
N LYS B 54 -4.44 -20.96 1.16
CA LYS B 54 -5.23 -19.88 0.60
C LYS B 54 -5.16 -18.63 1.47
N VAL B 55 -4.90 -17.48 0.84
CA VAL B 55 -4.75 -16.24 1.58
C VAL B 55 -5.52 -15.10 0.91
N ASN B 56 -6.42 -14.50 1.67
CA ASN B 56 -7.10 -13.27 1.24
C ASN B 56 -6.84 -12.14 2.24
N ASN B 57 -6.03 -11.18 1.83
CA ASN B 57 -5.77 -10.01 2.66
C ASN B 57 -6.83 -8.94 2.43
N HIS B 58 -7.33 -8.37 3.53
CA HIS B 58 -8.25 -7.24 3.45
C HIS B 58 -7.58 -5.96 3.96
N LEU B 59 -7.04 -5.18 3.04
CA LEU B 59 -6.67 -3.80 3.32
C LEU B 59 -5.31 -3.70 3.98
N PHE B 60 -4.41 -4.60 3.61
CA PHE B 60 -3.22 -4.86 4.41
C PHE B 60 -1.95 -4.48 3.64
N HIS B 61 -1.45 -5.41 2.83
CA HIS B 61 -0.18 -5.23 2.15
C HIS B 61 -0.40 -4.75 0.71
N ARG B 62 0.70 -4.52 0.00
CA ARG B 62 0.65 -4.35 -1.45
C ARG B 62 1.87 -5.01 -2.11
N GLU B 63 3.02 -4.88 -1.46
CA GLU B 63 4.23 -4.43 -2.13
C GLU B 63 4.79 -5.49 -3.08
N ASN B 64 4.55 -6.75 -2.73
CA ASN B 64 5.16 -7.86 -3.45
C ASN B 64 4.29 -9.12 -3.45
N LEU B 65 3.19 -9.11 -2.70
CA LEU B 65 2.30 -10.26 -2.66
C LEU B 65 0.86 -9.82 -2.88
N PRO B 66 0.21 -10.39 -3.90
CA PRO B 66 -1.17 -10.01 -4.20
C PRO B 66 -2.06 -10.19 -2.97
N SER B 67 -3.24 -9.56 -3.01
CA SER B 67 -4.23 -9.70 -1.95
C SER B 67 -4.87 -11.08 -1.96
N HIS B 68 -4.81 -11.73 -3.12
CA HIS B 68 -5.42 -13.05 -3.27
C HIS B 68 -4.53 -13.98 -4.08
N PHE B 69 -3.86 -14.90 -3.40
CA PHE B 69 -3.01 -15.87 -4.08
C PHE B 69 -3.13 -17.23 -3.41
N LYS B 70 -2.35 -18.21 -3.89
CA LYS B 70 -2.47 -19.58 -3.40
C LYS B 70 -1.12 -20.29 -3.38
N PHE B 71 -1.10 -21.50 -2.81
CA PHE B 71 0.11 -22.33 -2.88
C PHE B 71 -0.22 -23.80 -2.69
N LYS B 72 0.50 -24.66 -3.41
CA LYS B 72 0.26 -26.10 -3.36
C LYS B 72 1.55 -26.90 -3.57
N GLU B 73 2.07 -27.44 -2.45
CA GLU B 73 3.26 -28.28 -2.53
C GLU B 73 2.88 -29.72 -2.85
N TYR B 74 3.38 -30.21 -4.00
CA TYR B 74 3.12 -31.56 -4.42
C TYR B 74 4.02 -32.55 -3.68
N CYS B 75 3.39 -33.48 -2.96
CA CYS B 75 4.10 -34.57 -2.30
C CYS B 75 5.27 -34.06 -1.47
N PRO B 76 4.97 -33.26 -0.45
CA PRO B 76 6.02 -32.70 0.41
C PRO B 76 6.99 -33.77 0.88
N GLN B 77 6.42 -34.91 1.28
CA GLN B 77 7.17 -36.01 1.86
C GLN B 77 8.21 -36.57 0.91
N VAL B 78 7.78 -37.04 -0.25
CA VAL B 78 8.67 -37.73 -1.18
C VAL B 78 9.89 -36.86 -1.51
N PHE B 79 9.65 -35.57 -1.76
CA PHE B 79 10.70 -34.69 -2.27
C PHE B 79 11.73 -34.34 -1.22
N ARG B 80 11.31 -34.29 0.04
CA ARG B 80 12.25 -34.05 1.13
C ARG B 80 13.36 -35.09 1.12
N ASN B 81 12.95 -36.34 0.95
CA ASN B 81 13.86 -37.47 0.75
C ASN B 81 14.58 -37.37 -0.58
N LEU B 82 13.79 -37.26 -1.65
CA LEU B 82 14.38 -37.07 -2.99
C LEU B 82 15.57 -36.11 -2.93
N ARG B 83 15.31 -34.91 -2.41
CA ARG B 83 16.39 -33.95 -2.21
C ARG B 83 17.52 -34.57 -1.39
N ASP B 84 17.15 -35.12 -0.24
CA ASP B 84 18.09 -35.72 0.68
C ASP B 84 19.08 -36.65 -0.03
N ARG B 85 18.59 -37.33 -1.07
CA ARG B 85 19.39 -38.36 -1.72
C ARG B 85 20.34 -37.76 -2.75
N PHE B 86 20.03 -36.56 -3.22
CA PHE B 86 20.82 -35.93 -4.28
C PHE B 86 21.99 -35.11 -3.70
N GLY B 87 21.94 -34.88 -2.39
CA GLY B 87 22.93 -34.03 -1.74
C GLY B 87 22.43 -32.62 -1.59
N ILE B 88 21.18 -32.48 -1.17
CA ILE B 88 20.56 -31.18 -0.97
C ILE B 88 19.75 -31.15 0.32
N ASP B 89 20.10 -30.26 1.23
CA ASP B 89 19.35 -30.07 2.45
C ASP B 89 18.40 -28.88 2.35
N ASP B 90 17.19 -29.07 2.83
CA ASP B 90 16.08 -28.15 2.64
C ASP B 90 16.47 -26.71 2.91
N GLN B 91 16.96 -26.44 4.13
CA GLN B 91 17.31 -25.08 4.51
C GLN B 91 18.29 -24.48 3.50
N ASP B 92 19.12 -25.34 2.92
CA ASP B 92 20.01 -24.89 1.84
C ASP B 92 19.23 -24.74 0.54
N TYR B 93 18.41 -25.75 0.23
CA TYR B 93 17.50 -25.65 -0.91
C TYR B 93 16.71 -24.34 -0.83
N LEU B 94 16.30 -23.99 0.38
CA LEU B 94 15.53 -22.77 0.62
C LEU B 94 16.29 -21.53 0.17
N VAL B 95 17.39 -21.22 0.86
CA VAL B 95 18.18 -20.04 0.55
C VAL B 95 18.57 -19.99 -0.92
N SER B 96 18.70 -21.15 -1.55
CA SER B 96 19.18 -21.25 -2.92
C SER B 96 18.23 -20.58 -3.91
N LEU B 97 16.95 -20.47 -3.56
CA LEU B 97 16.01 -19.82 -4.48
C LEU B 97 14.89 -19.11 -3.74
N THR B 98 15.16 -18.66 -2.51
CA THR B 98 14.23 -17.79 -1.80
C THR B 98 14.96 -16.64 -1.13
N ARG B 99 16.28 -16.63 -1.20
CA ARG B 99 17.09 -15.59 -0.58
C ARG B 99 17.55 -14.55 -1.59
N ASN B 100 17.35 -14.87 -2.87
CA ASN B 100 17.63 -13.96 -3.98
C ASN B 100 16.95 -14.45 -5.26
N PRO B 101 16.10 -13.61 -5.83
CA PRO B 101 15.21 -14.07 -6.92
C PRO B 101 16.01 -14.81 -7.99
N PRO B 102 15.30 -15.63 -8.77
CA PRO B 102 15.95 -16.38 -9.84
C PRO B 102 16.29 -15.47 -11.04
N SER B 103 17.30 -15.84 -11.80
CA SER B 103 17.62 -15.12 -13.04
C SER B 103 16.91 -15.78 -14.23
N GLU B 104 16.49 -14.95 -15.18
CA GLU B 104 15.72 -15.45 -16.32
C GLU B 104 16.63 -16.12 -17.34
N SER B 105 16.16 -17.25 -17.88
CA SER B 105 16.91 -17.99 -18.89
C SER B 105 15.97 -18.57 -19.95
N GLU B 106 16.48 -18.78 -21.16
CA GLU B 106 15.68 -19.32 -22.25
C GLU B 106 16.28 -20.60 -22.79
N ARG B 111 10.55 -21.57 -21.13
CA ARG B 111 10.04 -21.46 -19.77
C ARG B 111 11.09 -21.93 -18.76
N PHE B 112 11.99 -21.02 -18.38
CA PHE B 112 13.08 -21.35 -17.47
C PHE B 112 13.35 -20.22 -16.50
N LEU B 113 14.25 -20.50 -15.55
CA LEU B 113 14.59 -19.58 -14.48
C LEU B 113 15.77 -20.22 -13.75
N ILE B 114 16.99 -19.94 -14.20
CA ILE B 114 18.15 -20.40 -13.44
C ILE B 114 18.24 -19.67 -12.10
N SER B 115 18.31 -20.45 -11.03
CA SER B 115 18.41 -19.93 -9.67
C SER B 115 19.42 -18.81 -9.56
N TYR B 116 19.26 -17.94 -8.57
CA TYR B 116 20.25 -16.88 -8.36
C TYR B 116 21.63 -17.50 -8.11
N ASP B 117 21.62 -18.71 -7.58
CA ASP B 117 22.85 -19.46 -7.34
C ASP B 117 23.31 -20.19 -8.59
N ARG B 118 22.57 -20.04 -9.69
CA ARG B 118 22.85 -20.77 -10.91
C ARG B 118 22.95 -22.27 -10.63
N THR B 119 22.29 -22.70 -9.56
CA THR B 119 22.42 -24.06 -9.07
C THR B 119 21.13 -24.85 -9.24
N LEU B 120 20.01 -24.17 -9.08
CA LEU B 120 18.69 -24.78 -9.25
C LEU B 120 17.91 -24.10 -10.37
N VAL B 121 17.04 -24.86 -11.01
CA VAL B 121 16.23 -24.37 -12.13
C VAL B 121 14.75 -24.61 -11.89
N ILE B 122 13.93 -23.60 -12.12
CA ILE B 122 12.49 -23.73 -11.93
C ILE B 122 11.74 -23.50 -13.24
N LYS B 123 11.35 -24.60 -13.90
CA LYS B 123 10.73 -24.52 -15.21
C LYS B 123 9.21 -24.64 -15.11
N GLU B 124 8.51 -23.73 -15.76
CA GLU B 124 7.05 -23.75 -15.80
C GLU B 124 6.55 -24.89 -16.69
N VAL B 125 5.42 -25.48 -16.33
CA VAL B 125 4.83 -26.56 -17.12
C VAL B 125 3.30 -26.46 -17.16
N SER B 126 2.71 -27.37 -17.93
CA SER B 126 1.26 -27.41 -18.09
C SER B 126 0.62 -28.40 -17.12
N SER B 127 -0.67 -28.24 -16.87
CA SER B 127 -1.37 -29.15 -15.97
C SER B 127 -1.17 -30.61 -16.41
N GLU B 128 -1.05 -30.80 -17.72
CA GLU B 128 -0.84 -32.13 -18.29
C GLU B 128 0.54 -32.68 -17.95
N ASP B 129 1.47 -31.78 -17.62
CA ASP B 129 2.80 -32.20 -17.20
C ASP B 129 2.76 -32.84 -15.81
N ILE B 130 1.95 -32.28 -14.92
CA ILE B 130 1.84 -32.82 -13.57
C ILE B 130 1.34 -34.26 -13.60
N ALA B 131 0.27 -34.50 -14.35
CA ALA B 131 -0.32 -35.82 -14.47
C ALA B 131 0.72 -36.87 -14.79
N ASP B 132 1.51 -36.62 -15.84
CA ASP B 132 2.63 -37.49 -16.15
C ASP B 132 3.54 -37.67 -14.94
N MET B 133 3.76 -36.56 -14.23
CA MET B 133 4.67 -36.53 -13.09
C MET B 133 4.34 -37.65 -12.11
N HIS B 134 3.08 -37.69 -11.67
CA HIS B 134 2.68 -38.64 -10.63
C HIS B 134 2.77 -40.07 -11.13
N SER B 135 2.68 -40.24 -12.45
CA SER B 135 2.80 -41.57 -13.04
C SER B 135 4.23 -42.10 -12.92
N ASN B 136 5.20 -41.24 -13.23
CA ASN B 136 6.61 -41.62 -13.19
C ASN B 136 7.23 -41.39 -11.82
N LEU B 137 6.62 -40.50 -11.04
CA LEU B 137 7.21 -39.97 -9.82
C LEU B 137 7.72 -41.06 -8.88
N SER B 138 6.82 -41.93 -8.43
CA SER B 138 7.20 -42.98 -7.49
C SER B 138 8.35 -43.82 -8.04
N ASN B 139 8.10 -44.47 -9.18
CA ASN B 139 9.12 -45.22 -9.89
C ASN B 139 10.40 -44.40 -10.02
N TYR B 140 10.26 -43.19 -10.54
CA TYR B 140 11.33 -42.20 -10.52
C TYR B 140 11.96 -42.12 -9.13
N HIS B 141 11.10 -42.20 -8.11
CA HIS B 141 11.55 -42.13 -6.73
C HIS B 141 12.26 -43.41 -6.30
N GLN B 142 11.72 -44.56 -6.69
CA GLN B 142 12.27 -45.84 -6.27
C GLN B 142 13.51 -46.20 -7.08
N TYR B 143 13.53 -45.78 -8.34
CA TYR B 143 14.71 -45.95 -9.20
C TYR B 143 15.93 -45.32 -8.53
N ILE B 144 15.91 -43.99 -8.38
CA ILE B 144 16.98 -43.25 -7.73
C ILE B 144 17.43 -43.91 -6.43
N VAL B 145 16.47 -44.57 -5.78
CA VAL B 145 16.75 -45.33 -4.58
C VAL B 145 17.84 -46.36 -4.86
N LYS B 146 17.62 -47.18 -5.89
CA LYS B 146 18.60 -48.18 -6.28
C LYS B 146 19.83 -47.54 -6.93
N CYS B 147 19.61 -46.46 -7.66
CA CYS B 147 20.67 -45.80 -8.43
C CYS B 147 21.63 -45.08 -7.50
N HIS B 148 21.21 -44.88 -6.24
CA HIS B 148 22.00 -44.10 -5.31
C HIS B 148 21.92 -42.60 -5.66
N GLY B 149 20.91 -42.26 -6.46
CA GLY B 149 20.69 -40.89 -6.88
C GLY B 149 21.79 -40.37 -7.80
N ASN B 150 22.11 -41.14 -8.84
CA ASN B 150 23.08 -40.68 -9.84
C ASN B 150 22.68 -41.16 -11.23
N THR B 151 21.54 -40.66 -11.72
CA THR B 151 21.12 -40.91 -13.11
C THR B 151 21.45 -39.73 -13.99
N LEU B 152 21.44 -39.93 -15.31
CA LEU B 152 21.60 -38.82 -16.23
C LEU B 152 20.26 -38.12 -16.48
N LEU B 153 19.26 -38.59 -15.76
CA LEU B 153 17.91 -38.00 -15.81
C LEU B 153 17.80 -36.84 -14.83
N PRO B 154 16.84 -35.95 -15.05
CA PRO B 154 16.70 -34.77 -14.20
C PRO B 154 16.60 -35.14 -12.73
N GLN B 155 17.25 -34.33 -11.89
CA GLN B 155 17.03 -34.35 -10.45
C GLN B 155 15.85 -33.49 -10.05
N PHE B 156 14.65 -34.08 -10.04
CA PHE B 156 13.48 -33.36 -9.56
C PHE B 156 13.58 -33.11 -8.05
N LEU B 157 13.67 -31.84 -7.66
CA LEU B 157 13.86 -31.50 -6.26
C LEU B 157 12.56 -30.97 -5.64
N GLY B 158 11.60 -30.63 -6.49
CA GLY B 158 10.33 -30.12 -5.99
C GLY B 158 9.26 -30.06 -7.06
N MET B 159 8.01 -29.86 -6.64
CA MET B 159 6.89 -29.66 -7.55
C MET B 159 5.72 -29.03 -6.80
N TYR B 160 5.36 -27.81 -7.21
CA TYR B 160 4.39 -27.01 -6.47
C TYR B 160 3.33 -26.43 -7.41
N ARG B 161 2.44 -25.61 -6.86
CA ARG B 161 1.36 -25.03 -7.65
C ARG B 161 0.93 -23.66 -7.14
N VAL B 162 1.37 -22.61 -7.82
CA VAL B 162 1.07 -21.25 -7.41
C VAL B 162 -0.17 -20.74 -8.14
N SER B 163 -1.17 -20.31 -7.36
CA SER B 163 -2.46 -19.90 -7.89
C SER B 163 -2.78 -18.44 -7.52
N VAL B 164 -3.27 -17.70 -8.50
CA VAL B 164 -3.47 -16.26 -8.36
C VAL B 164 -4.46 -15.73 -9.42
N ASP B 165 -5.31 -14.79 -8.99
CA ASP B 165 -6.22 -14.14 -9.94
C ASP B 165 -6.96 -15.19 -10.80
N ASN B 166 -7.61 -16.13 -10.14
CA ASN B 166 -8.38 -17.19 -10.78
C ASN B 166 -7.59 -17.84 -11.93
N GLU B 167 -6.28 -17.95 -11.76
CA GLU B 167 -5.46 -18.57 -12.79
C GLU B 167 -4.29 -19.35 -12.19
N ASP B 168 -4.29 -20.66 -12.43
CA ASP B 168 -3.33 -21.56 -11.81
C ASP B 168 -2.06 -21.70 -12.66
N SER B 169 -0.92 -21.70 -11.97
CA SER B 169 0.36 -21.96 -12.64
C SER B 169 1.12 -23.09 -11.96
N TYR B 170 1.62 -24.04 -12.75
CA TYR B 170 2.40 -25.15 -12.23
C TYR B 170 3.89 -24.94 -12.45
N MET B 171 4.66 -24.98 -11.37
CA MET B 171 6.10 -24.83 -11.50
C MET B 171 6.83 -26.03 -10.92
N LEU B 172 8.01 -26.33 -11.48
CA LEU B 172 8.79 -27.50 -11.11
C LEU B 172 10.26 -27.17 -10.97
N VAL B 173 10.90 -27.67 -9.91
CA VAL B 173 12.27 -27.30 -9.59
C VAL B 173 13.24 -28.46 -9.79
N MET B 174 14.25 -28.25 -10.63
CA MET B 174 15.23 -29.29 -10.91
C MET B 174 16.66 -28.77 -10.80
N ARG B 175 17.58 -29.63 -10.39
CA ARG B 175 18.98 -29.26 -10.30
C ARG B 175 19.48 -28.69 -11.62
N ASN B 176 20.43 -27.76 -11.55
CA ASN B 176 21.00 -27.20 -12.77
C ASN B 176 22.04 -28.16 -13.36
N MET B 177 21.79 -28.63 -14.58
CA MET B 177 22.69 -29.55 -15.27
C MET B 177 24.09 -28.94 -15.45
N PHE B 178 24.11 -27.69 -15.89
CA PHE B 178 25.36 -27.01 -16.23
C PHE B 178 26.04 -26.47 -14.99
N SER B 179 27.19 -25.82 -15.18
CA SER B 179 27.96 -25.29 -14.06
C SER B 179 27.55 -23.90 -13.61
N HIS B 180 27.23 -23.78 -12.33
CA HIS B 180 26.84 -22.50 -11.75
C HIS B 180 27.97 -21.47 -11.85
N ARG B 181 29.19 -21.97 -11.90
CA ARG B 181 30.34 -21.08 -12.01
C ARG B 181 30.81 -20.94 -13.46
N LEU B 182 31.32 -22.04 -14.01
CA LEU B 182 31.82 -22.03 -15.38
C LEU B 182 30.66 -22.07 -16.37
N PRO B 183 30.51 -20.98 -17.11
CA PRO B 183 29.44 -20.85 -18.10
C PRO B 183 29.68 -21.70 -19.34
N VAL B 184 28.60 -22.20 -19.93
CA VAL B 184 28.64 -22.99 -21.15
C VAL B 184 28.73 -22.09 -22.38
N HIS B 185 29.51 -22.52 -23.37
CA HIS B 185 29.57 -21.81 -24.64
C HIS B 185 28.85 -22.59 -25.74
N ARG B 186 29.04 -23.91 -25.76
CA ARG B 186 28.49 -24.75 -26.83
C ARG B 186 27.54 -25.80 -26.26
N LYS B 187 26.30 -25.78 -26.71
CA LYS B 187 25.31 -26.77 -26.28
C LYS B 187 24.47 -27.28 -27.45
N TYR B 188 24.17 -28.57 -27.44
CA TYR B 188 23.51 -29.20 -28.60
C TYR B 188 22.19 -29.88 -28.20
N ASP B 189 21.29 -29.95 -29.16
CA ASP B 189 20.00 -30.63 -29.01
C ASP B 189 20.01 -31.96 -29.75
N LEU B 190 20.21 -33.05 -29.01
CA LEU B 190 20.38 -34.37 -29.61
C LEU B 190 19.22 -35.31 -29.29
N LYS B 191 18.72 -35.98 -30.31
CA LYS B 191 17.62 -36.94 -30.19
C LYS B 191 18.00 -38.28 -30.78
N GLY B 192 17.89 -38.40 -32.11
CA GLY B 192 18.22 -39.61 -32.84
C GLY B 192 17.98 -39.46 -34.34
N THR B 210 21.58 -24.35 -29.19
CA THR B 210 20.77 -25.58 -29.18
C THR B 210 20.77 -26.25 -30.55
N LEU B 211 21.97 -26.44 -31.08
CA LEU B 211 22.17 -27.04 -32.40
C LEU B 211 21.59 -28.43 -32.57
N ARG B 212 20.72 -28.58 -33.57
CA ARG B 212 20.10 -29.87 -33.85
C ARG B 212 21.12 -30.98 -34.07
N ASP B 213 20.63 -32.21 -34.18
CA ASP B 213 21.49 -33.38 -34.40
C ASP B 213 22.13 -33.34 -35.78
N MET B 214 21.77 -32.34 -36.57
CA MET B 214 22.33 -32.17 -37.90
C MET B 214 23.53 -31.21 -37.89
N ASP B 215 23.45 -30.20 -37.03
CA ASP B 215 24.50 -29.20 -36.94
C ASP B 215 25.72 -29.71 -36.18
N PHE B 216 25.47 -30.68 -35.28
CA PHE B 216 26.50 -31.18 -34.38
C PHE B 216 27.35 -32.26 -35.06
N LEU B 217 26.96 -32.67 -36.25
CA LEU B 217 27.68 -33.72 -36.97
C LEU B 217 28.56 -33.21 -38.10
N ASN B 218 28.17 -32.11 -38.72
CA ASN B 218 28.97 -31.57 -39.82
C ASN B 218 30.06 -30.63 -39.31
N LYS B 219 29.99 -30.28 -38.03
CA LYS B 219 31.05 -29.50 -37.40
C LYS B 219 32.10 -30.41 -36.81
N ASN B 220 31.72 -31.67 -36.60
CA ASN B 220 32.64 -32.71 -36.16
C ASN B 220 33.09 -32.51 -34.72
N GLN B 221 32.16 -32.65 -33.78
CA GLN B 221 32.51 -32.71 -32.36
C GLN B 221 33.37 -33.95 -32.10
N LYS B 222 33.77 -34.14 -30.83
CA LYS B 222 34.74 -35.17 -30.50
C LYS B 222 34.15 -36.22 -29.57
N VAL B 223 34.22 -37.48 -30.00
CA VAL B 223 33.82 -38.60 -29.16
C VAL B 223 34.91 -38.97 -28.16
N TYR B 224 35.87 -38.04 -28.04
CA TYR B 224 36.97 -38.21 -27.09
C TYR B 224 36.81 -37.32 -25.87
N ILE B 225 36.53 -37.94 -24.72
CA ILE B 225 36.29 -37.21 -23.48
C ILE B 225 37.24 -37.69 -22.38
N GLY B 226 37.09 -38.96 -22.00
CA GLY B 226 37.89 -39.55 -20.96
C GLY B 226 38.02 -41.07 -21.11
N GLU B 227 38.97 -41.63 -20.36
CA GLU B 227 39.21 -43.08 -20.40
C GLU B 227 38.33 -43.81 -19.40
N GLU B 228 38.72 -43.70 -18.12
CA GLU B 228 38.01 -44.35 -17.04
C GLU B 228 36.75 -43.58 -16.66
N GLU B 229 36.64 -42.35 -17.16
CA GLU B 229 35.47 -41.51 -16.89
C GLU B 229 34.44 -41.61 -18.01
N LYS B 230 34.64 -42.57 -18.90
CA LYS B 230 33.69 -42.81 -19.98
C LYS B 230 32.92 -44.11 -19.74
N LYS B 231 33.42 -44.93 -18.82
CA LYS B 231 32.77 -46.20 -18.51
C LYS B 231 31.50 -45.98 -17.68
N ILE B 232 31.66 -45.31 -16.55
CA ILE B 232 30.54 -45.02 -15.65
C ILE B 232 29.46 -44.23 -16.34
N PHE B 233 29.83 -43.10 -16.94
CA PHE B 233 28.83 -42.29 -17.63
C PHE B 233 27.92 -43.18 -18.48
N LEU B 234 28.54 -44.19 -19.07
CA LEU B 234 27.84 -45.16 -19.91
C LEU B 234 26.93 -45.88 -18.95
N GLU B 235 27.50 -46.47 -17.89
CA GLU B 235 26.65 -47.14 -16.91
C GLU B 235 25.28 -46.45 -16.83
N LYS B 236 25.29 -45.20 -16.40
CA LYS B 236 24.07 -44.41 -16.26
C LYS B 236 23.31 -44.36 -17.58
N LEU B 237 23.90 -43.74 -18.59
CA LEU B 237 23.26 -43.63 -19.91
C LEU B 237 22.43 -44.87 -20.20
N LYS B 238 23.07 -46.03 -20.05
CA LYS B 238 22.46 -47.30 -20.43
C LYS B 238 21.20 -47.56 -19.61
N ARG B 239 21.37 -47.90 -18.34
CA ARG B 239 20.21 -48.32 -17.52
C ARG B 239 19.10 -47.28 -17.54
N ASP B 240 19.49 -46.01 -17.51
CA ASP B 240 18.53 -44.91 -17.48
C ASP B 240 17.63 -44.95 -18.71
N VAL B 241 18.26 -45.18 -19.86
CA VAL B 241 17.55 -45.09 -21.14
C VAL B 241 16.50 -46.17 -21.28
N GLU B 242 16.75 -47.32 -20.67
CA GLU B 242 15.78 -48.42 -20.67
C GLU B 242 14.71 -48.21 -19.60
N PHE B 243 14.92 -47.19 -18.77
CA PHE B 243 14.01 -46.84 -17.68
C PHE B 243 12.79 -46.09 -18.22
N LEU B 244 13.00 -44.89 -18.74
CA LEU B 244 11.93 -44.14 -19.39
C LEU B 244 11.37 -44.95 -20.57
N VAL B 245 12.27 -45.76 -21.17
CA VAL B 245 11.86 -46.74 -22.16
C VAL B 245 10.83 -47.71 -21.58
N GLN B 246 11.18 -48.32 -20.45
CA GLN B 246 10.20 -49.14 -19.73
C GLN B 246 8.90 -48.36 -19.48
N LEU B 247 9.08 -47.06 -19.26
CA LEU B 247 7.97 -46.15 -19.01
C LEU B 247 7.26 -45.77 -20.31
N LYS B 248 7.64 -46.44 -21.40
CA LYS B 248 7.06 -46.15 -22.70
C LYS B 248 7.40 -44.73 -23.16
N ILE B 249 8.38 -44.14 -22.49
CA ILE B 249 8.77 -42.75 -22.75
C ILE B 249 9.22 -42.48 -24.19
N MET B 250 8.52 -41.52 -24.83
CA MET B 250 8.72 -41.36 -26.30
C MET B 250 9.88 -40.52 -26.78
N ASP B 251 9.74 -39.20 -26.70
CA ASP B 251 10.75 -38.31 -27.26
C ASP B 251 11.53 -37.54 -26.22
N TYR B 252 12.81 -37.83 -26.13
CA TYR B 252 13.69 -37.14 -25.17
C TYR B 252 15.05 -36.88 -25.81
N SER B 253 15.76 -35.85 -25.34
CA SER B 253 17.00 -35.46 -25.99
C SER B 253 18.17 -35.47 -25.00
N LEU B 254 19.38 -35.41 -25.55
CA LEU B 254 20.58 -35.27 -24.73
C LEU B 254 21.19 -33.89 -24.91
N LEU B 255 21.18 -33.10 -23.83
CA LEU B 255 21.67 -31.72 -23.89
C LEU B 255 23.16 -31.67 -23.58
N LEU B 256 23.94 -31.10 -24.49
CA LEU B 256 25.38 -31.04 -24.34
C LEU B 256 25.83 -29.62 -23.95
N GLY B 257 26.97 -29.57 -23.25
CA GLY B 257 27.55 -28.30 -22.82
C GLY B 257 29.06 -28.26 -22.94
N ILE B 258 29.56 -27.30 -23.72
CA ILE B 258 31.00 -27.10 -23.86
C ILE B 258 31.39 -25.70 -23.42
N HIS B 259 32.57 -25.58 -22.81
CA HIS B 259 32.96 -24.32 -22.19
C HIS B 259 34.45 -24.02 -22.36
N ASP B 260 34.74 -23.00 -23.15
CA ASP B 260 36.13 -22.58 -23.38
C ASP B 260 36.84 -22.29 -22.08
N ILE B 261 38.17 -22.40 -22.10
CA ILE B 261 38.97 -22.16 -20.90
C ILE B 261 40.21 -21.33 -21.24
N GLU B 337 38.03 -28.81 -23.29
CA GLU B 337 36.65 -28.33 -23.19
C GLU B 337 35.89 -29.09 -22.10
N VAL B 338 35.08 -28.35 -21.35
CA VAL B 338 34.29 -28.95 -20.27
C VAL B 338 32.90 -29.34 -20.77
N TYR B 339 32.35 -30.42 -20.22
CA TYR B 339 31.11 -30.96 -20.76
C TYR B 339 30.05 -31.16 -19.69
N PHE B 340 28.83 -30.68 -19.99
CA PHE B 340 27.67 -30.93 -19.16
C PHE B 340 26.52 -31.48 -20.00
N MET B 341 26.38 -32.80 -20.00
CA MET B 341 25.37 -33.47 -20.81
C MET B 341 24.48 -34.37 -19.95
N GLY B 342 23.22 -34.50 -20.37
CA GLY B 342 22.26 -35.38 -19.71
C GLY B 342 20.89 -35.31 -20.33
N LEU B 343 20.09 -36.35 -20.11
CA LEU B 343 18.74 -36.42 -20.67
C LEU B 343 17.84 -35.34 -20.09
N ILE B 344 17.09 -34.67 -20.95
CA ILE B 344 16.23 -33.59 -20.48
C ILE B 344 14.91 -33.39 -21.21
N ASP B 345 14.71 -34.07 -22.33
CA ASP B 345 13.44 -33.87 -23.05
C ASP B 345 12.41 -34.94 -22.69
N ILE B 346 12.57 -35.54 -21.51
CA ILE B 346 11.60 -36.52 -21.06
C ILE B 346 10.63 -35.69 -20.23
N LEU B 347 10.42 -34.45 -20.65
CA LEU B 347 9.55 -33.52 -19.95
C LEU B 347 10.08 -33.24 -18.54
N HIS B 375 7.06 -47.10 -31.09
CA HIS B 375 7.49 -47.55 -29.77
C HIS B 375 8.88 -46.98 -29.44
N PRO B 376 9.17 -46.88 -28.15
CA PRO B 376 10.41 -46.22 -27.70
C PRO B 376 11.61 -47.15 -27.81
N GLU B 377 11.38 -48.45 -27.67
CA GLU B 377 12.46 -49.43 -27.73
C GLU B 377 13.30 -49.24 -28.99
N GLN B 378 12.65 -48.93 -30.10
CA GLN B 378 13.34 -48.74 -31.37
C GLN B 378 14.21 -47.49 -31.34
N TYR B 379 13.58 -46.32 -31.34
CA TYR B 379 14.29 -45.06 -31.30
C TYR B 379 15.28 -45.04 -30.13
N ALA B 380 14.91 -45.73 -29.04
CA ALA B 380 15.81 -45.87 -27.90
C ALA B 380 17.18 -46.35 -28.34
N LYS B 381 17.20 -47.44 -29.11
CA LYS B 381 18.44 -47.97 -29.64
C LYS B 381 19.19 -46.92 -30.46
N ARG B 382 18.54 -46.00 -31.20
CA ARG B 382 19.07 -44.90 -32.01
C ARG B 382 19.84 -43.91 -31.15
N PHE B 383 19.44 -43.78 -29.90
CA PHE B 383 19.94 -42.73 -29.03
C PHE B 383 21.32 -43.09 -28.47
N LEU B 384 21.33 -43.97 -27.48
CA LEU B 384 22.58 -44.48 -26.92
C LEU B 384 23.62 -44.69 -28.00
N ASP B 385 23.31 -45.56 -28.95
CA ASP B 385 24.14 -45.71 -30.16
C ASP B 385 24.52 -44.35 -30.73
N PHE B 386 23.63 -43.37 -30.56
CA PHE B 386 23.81 -42.07 -31.19
C PHE B 386 24.76 -41.19 -30.38
N ILE B 387 24.51 -41.10 -29.07
CA ILE B 387 25.35 -40.29 -28.19
C ILE B 387 26.64 -41.02 -27.83
N THR B 388 26.73 -42.28 -28.26
CA THR B 388 27.97 -43.04 -28.13
C THR B 388 28.92 -42.73 -29.29
N ASP C 16 -3.17 -29.07 20.13
CA ASP C 16 -4.60 -28.82 20.28
C ASP C 16 -5.15 -28.05 19.07
N PRO C 17 -6.43 -28.24 18.80
CA PRO C 17 -6.98 -28.00 17.46
C PRO C 17 -7.49 -26.59 17.16
N LEU C 18 -7.92 -25.87 18.20
CA LEU C 18 -8.10 -24.43 18.15
C LEU C 18 -6.94 -23.69 18.80
N VAL C 19 -6.42 -24.26 19.89
CA VAL C 19 -5.31 -23.65 20.62
C VAL C 19 -3.99 -23.82 19.86
N GLY C 20 -3.83 -24.97 19.20
CA GLY C 20 -2.66 -25.22 18.37
C GLY C 20 -2.62 -24.32 17.16
N VAL C 21 -3.81 -24.02 16.62
CA VAL C 21 -3.93 -23.08 15.51
C VAL C 21 -3.60 -21.66 15.96
N PHE C 22 -4.11 -21.27 17.12
CA PHE C 22 -3.78 -19.94 17.65
C PHE C 22 -2.26 -19.73 17.67
N LEU C 23 -1.56 -20.65 18.32
CA LEU C 23 -0.10 -20.54 18.43
C LEU C 23 0.54 -20.67 17.06
N TRP C 24 -0.04 -21.49 16.19
CA TRP C 24 0.44 -21.54 14.80
C TRP C 24 0.17 -20.21 14.09
N GLY C 25 -0.98 -19.61 14.43
CA GLY C 25 -1.44 -18.40 13.76
C GLY C 25 -0.68 -17.16 14.19
N VAL C 26 -0.29 -17.10 15.47
CA VAL C 26 0.49 -15.97 15.94
C VAL C 26 1.82 -15.89 15.19
N ALA C 27 2.56 -16.98 15.25
CA ALA C 27 3.84 -17.11 14.53
C ALA C 27 3.70 -16.67 13.09
N HIS C 28 3.01 -17.48 12.28
CA HIS C 28 2.82 -17.17 10.87
C HIS C 28 2.47 -15.70 10.62
N SER C 29 1.67 -15.13 11.50
CA SER C 29 1.26 -13.74 11.38
C SER C 29 2.37 -12.78 11.78
N ILE C 30 3.15 -13.18 12.79
CA ILE C 30 4.20 -12.29 13.29
C ILE C 30 5.39 -12.27 12.35
N ASN C 31 5.81 -13.43 11.87
CA ASN C 31 7.00 -13.55 11.04
C ASN C 31 6.77 -12.95 9.66
N GLU C 32 5.67 -13.33 9.01
CA GLU C 32 5.27 -12.64 7.77
C GLU C 32 5.31 -11.13 7.95
N LEU C 33 4.82 -10.69 9.11
CA LEU C 33 4.77 -9.28 9.45
C LEU C 33 6.19 -8.69 9.58
N SER C 34 7.14 -9.55 9.90
CA SER C 34 8.54 -9.16 10.05
C SER C 34 9.17 -8.87 8.70
N GLN C 35 8.42 -9.09 7.63
CA GLN C 35 8.85 -8.73 6.29
C GLN C 35 7.93 -7.65 5.68
N VAL C 36 7.48 -6.74 6.57
CA VAL C 36 6.61 -5.64 6.15
C VAL C 36 6.93 -4.38 6.93
N PRO C 37 7.22 -3.31 6.20
CA PRO C 37 7.62 -2.03 6.83
C PRO C 37 6.47 -1.42 7.64
N PRO C 38 6.75 -1.14 8.90
CA PRO C 38 5.77 -0.44 9.75
C PRO C 38 5.53 0.98 9.27
N PRO C 39 4.29 1.27 8.88
CA PRO C 39 3.94 2.58 8.34
C PRO C 39 4.26 3.70 9.34
N VAL C 40 4.61 4.87 8.82
CA VAL C 40 4.77 6.04 9.69
C VAL C 40 3.42 6.40 10.31
N MET C 41 2.38 6.40 9.48
CA MET C 41 1.05 6.83 9.91
C MET C 41 0.00 5.75 9.65
N LEU C 42 -0.94 5.62 10.59
CA LEU C 42 -2.05 4.69 10.44
C LEU C 42 -3.24 5.36 9.73
N LEU C 43 -3.73 4.71 8.68
CA LEU C 43 -4.91 5.18 7.98
C LEU C 43 -6.14 4.38 8.41
N PRO C 44 -7.32 4.96 8.25
CA PRO C 44 -8.56 4.34 8.71
C PRO C 44 -8.67 2.89 8.27
N ASP C 45 -8.35 2.65 7.01
CA ASP C 45 -8.39 1.35 6.41
C ASP C 45 -7.56 0.38 7.20
N ASP C 46 -6.53 0.87 7.85
CA ASP C 46 -5.70 0.07 8.74
C ASP C 46 -6.52 -0.50 9.89
N PHE C 47 -7.64 0.16 10.20
CA PHE C 47 -8.51 -0.26 11.30
C PHE C 47 -9.69 -1.08 10.80
N LYS C 48 -9.81 -1.22 9.50
CA LYS C 48 -10.83 -2.07 8.93
C LYS C 48 -10.10 -3.21 8.20
N ALA C 49 -8.84 -3.43 8.52
CA ALA C 49 -8.00 -4.41 7.85
C ALA C 49 -8.19 -5.81 8.42
N SER C 50 -7.69 -6.80 7.70
CA SER C 50 -7.79 -8.21 8.06
C SER C 50 -6.63 -9.03 7.49
N SER C 51 -6.67 -10.33 7.66
CA SER C 51 -5.73 -11.24 7.03
C SER C 51 -6.21 -12.65 7.31
N LYS C 52 -6.52 -13.42 6.26
CA LYS C 52 -7.07 -14.76 6.42
C LYS C 52 -6.13 -15.82 5.87
N ILE C 53 -6.09 -16.97 6.54
CA ILE C 53 -5.24 -18.09 6.14
C ILE C 53 -6.04 -19.37 6.01
N LYS C 54 -5.97 -20.00 4.84
CA LYS C 54 -6.67 -21.23 4.56
C LYS C 54 -5.70 -22.34 4.15
N VAL C 55 -5.82 -23.49 4.80
CA VAL C 55 -4.90 -24.61 4.55
C VAL C 55 -5.63 -25.94 4.50
N ASN C 56 -5.37 -26.70 3.43
CA ASN C 56 -5.95 -28.03 3.29
C ASN C 56 -4.86 -29.05 2.92
N ASN C 57 -4.47 -29.88 3.90
CA ASN C 57 -3.40 -30.84 3.70
C ASN C 57 -3.94 -32.26 3.53
N HIS C 58 -3.76 -32.82 2.33
CA HIS C 58 -4.15 -34.20 2.07
C HIS C 58 -3.02 -35.15 2.45
N LEU C 59 -3.28 -36.04 3.40
CA LEU C 59 -2.30 -37.02 3.85
C LEU C 59 -0.95 -36.37 4.13
N PHE C 60 -0.97 -35.33 4.95
CA PHE C 60 0.28 -34.69 5.36
C PHE C 60 0.12 -33.94 6.69
N HIS C 61 1.23 -33.86 7.42
CA HIS C 61 1.25 -33.22 8.73
C HIS C 61 0.33 -34.10 9.57
N ARG C 62 -0.75 -33.48 10.05
CA ARG C 62 -1.71 -34.16 10.91
C ARG C 62 -1.30 -34.12 12.39
N GLU C 63 -0.10 -33.63 12.63
CA GLU C 63 0.43 -33.63 14.00
C GLU C 63 -0.10 -32.45 14.79
N ASN C 64 -1.11 -32.70 15.62
CA ASN C 64 -1.60 -31.71 16.57
C ASN C 64 -2.38 -30.59 15.90
N LEU C 65 -2.20 -30.43 14.59
CA LEU C 65 -2.85 -29.37 13.85
C LEU C 65 -3.78 -29.95 12.77
N PRO C 66 -5.02 -29.47 12.74
CA PRO C 66 -5.98 -29.92 11.74
C PRO C 66 -5.47 -29.69 10.33
N SER C 67 -5.52 -30.75 9.51
CA SER C 67 -5.20 -30.66 8.10
C SER C 67 -5.88 -29.44 7.47
N HIS C 68 -7.11 -29.21 7.88
CA HIS C 68 -7.83 -28.00 7.47
C HIS C 68 -8.14 -27.11 8.67
N PHE C 69 -7.52 -25.92 8.67
CA PHE C 69 -7.92 -24.89 9.62
C PHE C 69 -7.81 -23.50 8.98
N LYS C 70 -8.34 -22.49 9.68
CA LYS C 70 -8.30 -21.13 9.19
C LYS C 70 -7.73 -20.18 10.25
N PHE C 71 -7.46 -18.96 9.82
CA PHE C 71 -6.95 -17.94 10.75
C PHE C 71 -7.01 -16.55 10.13
N LYS C 72 -7.24 -15.56 10.98
CA LYS C 72 -7.46 -14.17 10.57
C LYS C 72 -6.99 -13.22 11.66
N GLU C 73 -6.22 -12.21 11.26
CA GLU C 73 -5.78 -11.19 12.21
C GLU C 73 -6.48 -9.86 11.94
N TYR C 74 -7.13 -9.32 12.96
CA TYR C 74 -7.81 -8.04 12.87
C TYR C 74 -6.81 -6.88 12.94
N CYS C 75 -6.70 -6.14 11.86
CA CYS C 75 -5.85 -4.95 11.80
C CYS C 75 -4.44 -5.25 12.28
N PRO C 76 -3.75 -6.11 11.53
CA PRO C 76 -2.41 -6.57 11.91
C PRO C 76 -1.47 -5.41 12.22
N GLN C 77 -1.20 -4.60 11.21
CA GLN C 77 -0.34 -3.43 11.33
C GLN C 77 -0.65 -2.62 12.57
N VAL C 78 -1.93 -2.54 12.91
CA VAL C 78 -2.38 -1.73 14.05
C VAL C 78 -1.87 -2.29 15.37
N PHE C 79 -2.30 -3.52 15.69
CA PHE C 79 -1.95 -4.13 16.96
C PHE C 79 -0.44 -4.37 17.06
N ARG C 80 0.23 -4.41 15.91
CA ARG C 80 1.69 -4.38 15.91
C ARG C 80 2.18 -3.02 16.41
N ASN C 81 1.51 -1.98 15.94
CA ASN C 81 1.80 -0.61 16.34
C ASN C 81 1.64 -0.42 17.84
N LEU C 82 0.54 -0.93 18.39
CA LEU C 82 0.26 -0.82 19.82
C LEU C 82 1.41 -1.41 20.63
N ARG C 83 1.83 -2.63 20.26
CA ARG C 83 2.93 -3.30 20.96
C ARG C 83 4.14 -2.37 21.05
N ASP C 84 4.38 -1.61 19.99
CA ASP C 84 5.45 -0.60 20.03
C ASP C 84 5.20 0.40 21.16
N ARG C 85 3.98 0.93 21.19
CA ARG C 85 3.61 1.95 22.17
C ARG C 85 3.58 1.37 23.57
N PHE C 86 3.17 0.10 23.70
CA PHE C 86 3.21 -0.57 25.00
C PHE C 86 4.60 -1.13 25.26
N GLY C 87 5.56 -0.61 24.52
CA GLY C 87 6.95 -1.00 24.65
C GLY C 87 7.16 -2.50 24.60
N ILE C 88 6.60 -3.15 23.58
CA ILE C 88 6.72 -4.59 23.44
C ILE C 88 7.42 -4.96 22.13
N ASP C 89 8.49 -5.76 22.23
CA ASP C 89 9.21 -6.24 21.07
C ASP C 89 8.50 -7.43 20.44
N ASP C 90 8.22 -7.34 19.14
CA ASP C 90 7.43 -8.36 18.47
C ASP C 90 8.11 -9.72 18.48
N GLN C 91 9.42 -9.74 18.19
CA GLN C 91 10.11 -11.01 18.02
C GLN C 91 10.21 -11.76 19.34
N ASP C 92 9.92 -11.06 20.44
CA ASP C 92 9.74 -11.72 21.73
C ASP C 92 8.29 -12.15 21.90
N TYR C 93 7.38 -11.27 21.48
CA TYR C 93 5.94 -11.54 21.49
C TYR C 93 5.63 -12.91 20.90
N LEU C 94 6.24 -13.20 19.75
CA LEU C 94 6.05 -14.51 19.13
C LEU C 94 6.54 -15.61 20.08
N VAL C 95 7.82 -15.52 20.44
CA VAL C 95 8.45 -16.58 21.22
C VAL C 95 7.95 -16.58 22.66
N SER C 96 7.24 -15.53 23.03
CA SER C 96 6.76 -15.37 24.40
C SER C 96 5.34 -15.89 24.55
N LEU C 97 4.88 -16.63 23.54
CA LEU C 97 3.53 -17.18 23.56
C LEU C 97 3.49 -18.51 22.79
N THR C 98 4.42 -18.68 21.86
CA THR C 98 4.39 -19.80 20.93
C THR C 98 5.48 -20.84 21.24
N ARG C 99 6.63 -20.36 21.69
CA ARG C 99 7.75 -21.24 22.01
C ARG C 99 7.42 -22.15 23.19
N ASN C 100 6.33 -21.85 23.87
CA ASN C 100 5.90 -22.64 25.02
C ASN C 100 4.40 -22.47 25.28
N PRO C 101 3.67 -23.58 25.19
CA PRO C 101 2.22 -23.56 25.36
C PRO C 101 1.80 -22.82 26.64
N PRO C 102 0.80 -21.97 26.52
CA PRO C 102 0.28 -21.23 27.68
C PRO C 102 -0.44 -22.15 28.65
N SER C 103 -0.86 -21.58 29.78
CA SER C 103 -1.53 -22.33 30.84
C SER C 103 -3.01 -22.01 30.91
N GLU C 104 -3.84 -23.05 30.89
CA GLU C 104 -5.30 -22.89 30.99
C GLU C 104 -5.70 -22.50 32.41
N SER C 105 -7.00 -22.35 32.62
CA SER C 105 -7.53 -21.99 33.93
C SER C 105 -8.84 -21.21 33.80
N ARG C 111 -12.20 -17.87 30.46
CA ARG C 111 -11.40 -18.59 29.48
C ARG C 111 -9.93 -18.22 29.58
N PHE C 112 -9.62 -17.27 30.47
CA PHE C 112 -8.26 -16.76 30.60
C PHE C 112 -7.23 -17.86 30.34
N LEU C 113 -6.23 -17.53 29.53
CA LEU C 113 -5.16 -18.47 29.23
C LEU C 113 -3.79 -17.82 29.41
N ILE C 114 -3.36 -17.71 30.66
CA ILE C 114 -2.05 -17.13 30.97
C ILE C 114 -0.89 -17.81 30.23
N SER C 115 -0.20 -17.05 29.39
CA SER C 115 0.93 -17.60 28.65
C SER C 115 1.90 -18.30 29.59
N TYR C 116 2.83 -19.09 29.03
CA TYR C 116 3.80 -19.78 29.87
C TYR C 116 4.61 -18.79 30.70
N ASP C 117 4.79 -17.59 30.14
CA ASP C 117 5.58 -16.54 30.77
C ASP C 117 4.85 -15.92 31.94
N ARG C 118 3.52 -16.08 31.98
CA ARG C 118 2.73 -15.39 32.99
C ARG C 118 2.81 -13.88 32.79
N THR C 119 3.38 -13.48 31.65
CA THR C 119 3.49 -12.07 31.28
C THR C 119 2.31 -11.67 30.39
N LEU C 120 1.95 -12.56 29.48
CA LEU C 120 0.84 -12.32 28.56
C LEU C 120 -0.40 -13.07 29.03
N VAL C 121 -1.59 -12.52 28.78
CA VAL C 121 -2.84 -13.20 29.11
C VAL C 121 -3.78 -13.22 27.91
N ILE C 122 -4.34 -14.39 27.60
CA ILE C 122 -5.16 -14.54 26.41
C ILE C 122 -6.57 -14.99 26.75
N LYS C 123 -7.53 -14.07 26.67
CA LYS C 123 -8.91 -14.40 27.00
C LYS C 123 -9.82 -14.50 25.78
N GLU C 124 -10.48 -15.65 25.62
CA GLU C 124 -11.39 -15.84 24.51
C GLU C 124 -12.60 -14.93 24.63
N VAL C 125 -13.14 -14.50 23.50
CA VAL C 125 -14.28 -13.59 23.47
C VAL C 125 -15.27 -13.98 22.35
N SER C 126 -16.40 -13.29 22.33
CA SER C 126 -17.46 -13.56 21.36
C SER C 126 -17.10 -13.04 19.97
N SER C 127 -18.07 -13.17 19.05
CA SER C 127 -17.91 -12.68 17.70
C SER C 127 -18.23 -11.20 17.71
N GLU C 128 -18.98 -10.78 18.73
CA GLU C 128 -19.37 -9.38 18.89
C GLU C 128 -18.28 -8.63 19.65
N ASP C 129 -17.74 -9.27 20.68
CA ASP C 129 -16.69 -8.64 21.49
C ASP C 129 -15.54 -8.16 20.58
N ILE C 130 -15.33 -8.87 19.48
CA ILE C 130 -14.42 -8.45 18.43
C ILE C 130 -14.87 -7.16 17.76
N ALA C 131 -16.19 -7.00 17.60
CA ALA C 131 -16.74 -5.80 16.97
C ALA C 131 -16.62 -4.59 17.88
N ASP C 132 -17.13 -4.74 19.10
CA ASP C 132 -16.93 -3.73 20.13
C ASP C 132 -15.46 -3.37 20.22
N MET C 133 -14.60 -4.38 20.16
CA MET C 133 -13.15 -4.21 20.05
C MET C 133 -12.81 -3.30 18.87
N HIS C 134 -13.33 -3.66 17.70
CA HIS C 134 -13.00 -2.99 16.46
C HIS C 134 -13.62 -1.59 16.39
N SER C 135 -14.71 -1.38 17.13
CA SER C 135 -15.44 -0.13 17.08
C SER C 135 -14.64 1.02 17.73
N ASN C 136 -14.54 0.97 19.06
CA ASN C 136 -13.83 2.00 19.82
C ASN C 136 -12.33 1.92 19.55
N LEU C 137 -11.90 0.82 18.92
CA LEU C 137 -10.51 0.50 18.66
C LEU C 137 -9.74 1.72 18.15
N SER C 138 -10.32 2.43 17.18
CA SER C 138 -9.65 3.61 16.63
C SER C 138 -9.22 4.58 17.73
N ASN C 139 -10.23 5.14 18.41
CA ASN C 139 -10.01 6.10 19.48
C ASN C 139 -8.92 5.63 20.44
N TYR C 140 -9.15 4.47 21.04
CA TYR C 140 -8.28 3.90 22.06
C TYR C 140 -6.80 3.97 21.67
N HIS C 141 -6.50 3.86 20.37
CA HIS C 141 -5.12 4.01 19.92
C HIS C 141 -4.65 5.45 20.04
N GLN C 142 -5.53 6.38 19.65
CA GLN C 142 -5.22 7.80 19.75
C GLN C 142 -5.08 8.25 21.19
N TYR C 143 -5.58 7.40 22.11
CA TYR C 143 -5.38 7.69 23.53
C TYR C 143 -4.06 7.11 24.01
N ILE C 144 -3.65 5.98 23.42
CA ILE C 144 -2.38 5.37 23.82
C ILE C 144 -1.22 6.29 23.46
N VAL C 145 -1.37 7.03 22.36
CA VAL C 145 -0.35 8.00 21.97
C VAL C 145 -0.34 9.18 22.95
N LYS C 146 -1.53 9.72 23.23
CA LYS C 146 -1.68 10.78 24.22
C LYS C 146 -1.24 10.31 25.61
N CYS C 147 -1.59 9.06 25.92
CA CYS C 147 -1.37 8.41 27.19
C CYS C 147 -0.02 7.73 27.26
N HIS C 148 0.68 7.71 26.13
CA HIS C 148 2.05 7.16 26.03
C HIS C 148 2.29 5.69 26.36
N GLY C 149 1.23 4.93 26.57
CA GLY C 149 1.35 3.53 26.89
C GLY C 149 1.55 3.21 28.35
N ASN C 150 0.88 3.94 29.24
CA ASN C 150 0.87 3.60 30.65
C ASN C 150 -0.43 4.08 31.34
N THR C 151 -1.52 3.37 31.04
CA THR C 151 -2.83 3.66 31.61
C THR C 151 -3.34 2.42 32.35
N LEU C 152 -4.45 2.56 33.07
CA LEU C 152 -5.03 1.45 33.80
C LEU C 152 -5.93 0.63 32.90
N LEU C 153 -6.05 1.09 31.68
CA LEU C 153 -6.76 0.34 30.63
C LEU C 153 -5.90 -0.82 30.14
N PRO C 154 -6.52 -1.93 29.83
CA PRO C 154 -5.83 -3.08 29.24
C PRO C 154 -5.02 -2.68 28.02
N GLN C 155 -3.74 -3.08 27.99
CA GLN C 155 -2.90 -2.78 26.83
C GLN C 155 -3.02 -3.84 25.75
N PHE C 156 -4.06 -3.72 24.89
CA PHE C 156 -4.34 -4.77 23.94
C PHE C 156 -3.23 -4.94 22.92
N LEU C 157 -2.77 -6.19 22.77
CA LEU C 157 -1.66 -6.53 21.90
C LEU C 157 -2.13 -7.15 20.59
N GLY C 158 -2.87 -8.26 20.68
CA GLY C 158 -3.33 -8.95 19.49
C GLY C 158 -4.76 -9.44 19.60
N MET C 159 -5.39 -9.68 18.45
CA MET C 159 -6.78 -10.11 18.42
C MET C 159 -7.13 -10.85 17.13
N TYR C 160 -7.29 -12.16 17.23
CA TYR C 160 -7.41 -13.04 16.08
C TYR C 160 -8.72 -13.80 16.05
N ARG C 161 -8.93 -14.58 14.99
CA ARG C 161 -10.05 -15.51 14.90
C ARG C 161 -9.63 -16.85 14.35
N VAL C 162 -9.46 -17.83 15.24
CA VAL C 162 -9.08 -19.17 14.84
C VAL C 162 -10.31 -19.99 14.40
N SER C 163 -10.33 -20.36 13.12
CA SER C 163 -11.44 -21.14 12.57
C SER C 163 -11.06 -22.60 12.42
N VAL C 164 -11.90 -23.48 12.94
CA VAL C 164 -11.63 -24.91 12.90
C VAL C 164 -12.93 -25.72 12.83
N ASP C 165 -13.06 -26.53 11.78
CA ASP C 165 -14.28 -27.31 11.60
C ASP C 165 -15.49 -26.38 11.50
N ASN C 166 -15.34 -25.29 10.73
CA ASN C 166 -16.33 -24.22 10.67
C ASN C 166 -16.85 -23.87 12.06
N GLU C 167 -15.94 -23.85 13.03
CA GLU C 167 -16.25 -23.52 14.41
C GLU C 167 -15.35 -22.41 14.95
N ASP C 168 -15.70 -21.16 14.62
CA ASP C 168 -14.84 -20.02 14.89
C ASP C 168 -14.84 -19.62 16.37
N SER C 169 -13.63 -19.59 16.95
CA SER C 169 -13.43 -19.13 18.31
C SER C 169 -12.52 -17.90 18.34
N TYR C 170 -12.87 -16.94 19.21
CA TYR C 170 -12.20 -15.64 19.19
C TYR C 170 -11.28 -15.45 20.39
N MET C 171 -10.07 -14.96 20.12
CA MET C 171 -9.05 -14.84 21.16
C MET C 171 -8.39 -13.46 21.15
N LEU C 172 -7.97 -13.01 22.32
CA LEU C 172 -7.33 -11.72 22.50
C LEU C 172 -6.07 -11.82 23.37
N VAL C 173 -5.06 -11.03 22.99
CA VAL C 173 -3.83 -10.95 23.75
C VAL C 173 -3.74 -9.62 24.51
N MET C 174 -3.62 -9.70 25.83
CA MET C 174 -3.43 -8.50 26.64
C MET C 174 -2.37 -8.73 27.71
N ARG C 175 -1.52 -7.70 27.92
CA ARG C 175 -0.48 -7.76 28.94
C ARG C 175 -1.05 -8.24 30.28
N ASN C 176 -0.22 -8.89 31.08
CA ASN C 176 -0.65 -9.31 32.41
C ASN C 176 -0.52 -8.16 33.40
N MET C 177 -1.65 -7.70 33.92
CA MET C 177 -1.65 -6.62 34.90
C MET C 177 -0.88 -7.03 36.16
N PHE C 178 -0.87 -8.33 36.45
CA PHE C 178 -0.18 -8.87 37.61
C PHE C 178 1.29 -9.09 37.29
N SER C 179 1.99 -9.83 38.17
CA SER C 179 3.42 -10.01 38.06
C SER C 179 3.75 -11.41 37.51
N HIS C 180 4.76 -11.46 36.64
CA HIS C 180 5.15 -12.70 35.97
C HIS C 180 6.00 -13.59 36.87
N ARG C 181 6.34 -13.08 38.06
CA ARG C 181 7.06 -13.89 39.03
C ARG C 181 6.37 -13.85 40.39
N LEU C 182 6.32 -12.66 40.99
CA LEU C 182 5.60 -12.47 42.25
C LEU C 182 4.10 -12.72 42.06
N PRO C 183 3.62 -13.87 42.55
CA PRO C 183 2.22 -14.21 42.44
C PRO C 183 1.35 -13.41 43.39
N VAL C 184 0.12 -13.14 42.97
CA VAL C 184 -0.84 -12.39 43.79
C VAL C 184 -1.50 -13.30 44.82
N HIS C 185 -1.96 -12.72 45.93
CA HIS C 185 -2.61 -13.49 46.98
C HIS C 185 -4.02 -12.96 47.26
N ARG C 186 -4.20 -11.65 47.13
CA ARG C 186 -5.50 -11.02 47.34
C ARG C 186 -5.94 -10.24 46.11
N LYS C 187 -7.21 -10.37 45.74
CA LYS C 187 -7.74 -9.66 44.58
C LYS C 187 -9.21 -9.27 44.80
N TYR C 188 -9.50 -7.98 44.68
CA TYR C 188 -10.87 -7.50 44.87
C TYR C 188 -11.38 -6.81 43.60
N ASP C 189 -12.49 -7.32 43.07
CA ASP C 189 -13.03 -6.81 41.81
C ASP C 189 -13.81 -5.51 42.03
N THR C 210 -11.57 -12.06 43.31
CA THR C 210 -12.81 -12.18 42.55
C THR C 210 -13.94 -11.41 43.22
N LEU C 211 -13.80 -11.18 44.52
CA LEU C 211 -14.83 -10.48 45.28
C LEU C 211 -15.02 -9.05 44.76
N ARG C 212 -16.24 -8.73 44.37
CA ARG C 212 -16.57 -7.40 43.87
C ARG C 212 -16.34 -6.35 44.95
N ASP C 213 -16.75 -5.12 44.65
CA ASP C 213 -16.59 -4.01 45.58
C ASP C 213 -17.23 -4.34 46.94
N MET C 214 -18.23 -5.20 46.91
CA MET C 214 -18.95 -5.58 48.14
C MET C 214 -18.24 -6.74 48.83
N LEU C 217 -14.49 -4.46 51.69
CA LEU C 217 -14.50 -3.49 52.78
C LEU C 217 -14.90 -4.14 54.09
N ASN C 218 -15.61 -5.26 54.01
CA ASN C 218 -16.04 -6.01 55.19
C ASN C 218 -14.84 -6.33 56.08
N LYS C 219 -13.69 -6.52 55.45
CA LYS C 219 -12.46 -6.80 56.18
C LYS C 219 -11.72 -5.48 56.36
N ASN C 220 -12.47 -4.39 56.34
CA ASN C 220 -11.87 -3.06 56.49
C ASN C 220 -10.73 -2.89 55.50
N GLN C 221 -11.07 -2.89 54.21
CA GLN C 221 -10.11 -2.81 53.12
C GLN C 221 -9.10 -1.68 53.34
N LYS C 222 -7.92 -1.82 52.74
CA LYS C 222 -6.86 -0.83 52.88
C LYS C 222 -6.39 -0.26 51.55
N VAL C 223 -6.47 1.06 51.43
CA VAL C 223 -6.04 1.76 50.21
C VAL C 223 -4.78 2.61 50.50
N TYR C 224 -3.72 1.99 51.01
CA TYR C 224 -2.49 2.73 51.42
C TYR C 224 -1.14 2.16 50.97
N ILE C 225 -0.32 3.02 50.38
CA ILE C 225 0.92 2.62 49.80
C ILE C 225 1.99 3.70 50.02
N GLY C 226 1.71 4.90 49.44
CA GLY C 226 2.61 6.07 49.48
C GLY C 226 1.99 7.47 49.24
N GLU C 227 2.82 8.50 48.98
CA GLU C 227 2.35 9.87 48.74
C GLU C 227 2.49 10.29 47.28
N GLU C 228 3.72 10.51 46.86
CA GLU C 228 3.99 10.98 45.50
C GLU C 228 3.53 9.95 44.46
N GLU C 229 3.36 8.70 44.92
CA GLU C 229 2.93 7.61 44.04
C GLU C 229 1.44 7.57 43.69
N LYS C 230 0.63 7.21 44.67
CA LYS C 230 -0.81 7.14 44.48
C LYS C 230 -1.35 8.44 43.89
N LYS C 231 -0.81 9.57 44.34
CA LYS C 231 -1.26 10.85 43.82
C LYS C 231 -1.23 10.87 42.29
N ILE C 232 -0.44 9.97 41.72
CA ILE C 232 -0.40 9.82 40.27
C ILE C 232 -1.32 8.69 39.80
N PHE C 233 -1.31 7.58 40.54
CA PHE C 233 -2.17 6.45 40.21
C PHE C 233 -3.64 6.88 40.16
N LEU C 234 -3.98 7.92 40.93
CA LEU C 234 -5.35 8.43 40.92
C LEU C 234 -5.59 9.31 39.69
N GLU C 235 -4.50 9.84 39.12
CA GLU C 235 -4.59 10.68 37.93
C GLU C 235 -4.99 9.76 36.77
N LYS C 236 -4.18 8.73 36.54
CA LYS C 236 -4.46 7.76 35.49
C LYS C 236 -5.94 7.38 35.48
N LEU C 237 -6.42 6.88 36.59
CA LEU C 237 -7.79 6.40 36.71
C LEU C 237 -8.78 7.49 36.31
N LYS C 238 -8.57 8.72 36.80
CA LYS C 238 -9.43 9.84 36.49
C LYS C 238 -9.54 10.07 34.99
N ARG C 239 -8.40 10.36 34.37
CA ARG C 239 -8.34 10.55 32.92
C ARG C 239 -8.76 9.26 32.20
N ASP C 240 -8.28 8.14 32.71
CA ASP C 240 -8.71 6.84 32.24
C ASP C 240 -10.22 6.67 32.39
N VAL C 241 -10.73 7.10 33.54
CA VAL C 241 -12.15 7.00 33.83
C VAL C 241 -12.96 7.87 32.86
N GLU C 242 -12.39 9.00 32.46
CA GLU C 242 -13.09 9.95 31.60
C GLU C 242 -12.97 9.57 30.13
N PHE C 243 -11.83 8.98 29.78
CA PHE C 243 -11.63 8.50 28.41
C PHE C 243 -12.71 7.51 28.02
N LEU C 244 -12.78 6.41 28.78
CA LEU C 244 -13.85 5.43 28.60
C LEU C 244 -15.22 6.11 28.65
N VAL C 245 -15.32 7.16 29.46
CA VAL C 245 -16.56 7.91 29.59
C VAL C 245 -16.82 8.77 28.36
N GLN C 246 -15.75 9.36 27.82
CA GLN C 246 -15.85 10.09 26.56
C GLN C 246 -16.34 9.17 25.45
N LEU C 247 -16.15 7.87 25.66
CA LEU C 247 -16.62 6.86 24.73
C LEU C 247 -17.95 6.36 25.29
N LYS C 248 -18.41 6.99 26.37
CA LYS C 248 -19.67 6.61 27.02
C LYS C 248 -19.63 5.14 27.47
N ILE C 249 -18.42 4.65 27.70
CA ILE C 249 -18.19 3.25 28.01
C ILE C 249 -18.94 2.82 29.27
N MET C 250 -19.53 1.67 29.14
CA MET C 250 -20.37 1.09 30.19
C MET C 250 -19.75 0.69 31.52
N ASP C 251 -20.64 0.25 32.47
CA ASP C 251 -20.30 -0.06 33.84
C ASP C 251 -19.15 -1.07 33.92
N TYR C 252 -18.04 -0.67 34.53
CA TYR C 252 -16.84 -1.48 34.56
C TYR C 252 -16.41 -1.82 35.98
N SER C 253 -15.28 -2.55 36.08
CA SER C 253 -14.65 -2.80 37.37
C SER C 253 -13.14 -2.55 37.30
N LEU C 254 -12.49 -2.46 38.46
CA LEU C 254 -11.05 -2.24 38.51
C LEU C 254 -10.36 -3.38 39.25
N LEU C 255 -9.60 -4.19 38.53
CA LEU C 255 -9.00 -5.39 39.12
C LEU C 255 -7.75 -5.06 39.93
N LEU C 256 -7.75 -5.51 41.18
CA LEU C 256 -6.63 -5.27 42.09
C LEU C 256 -6.14 -6.56 42.73
N GLY C 257 -4.82 -6.71 42.79
CA GLY C 257 -4.17 -7.88 43.37
C GLY C 257 -3.10 -7.49 44.38
N ILE C 258 -3.05 -8.23 45.48
CA ILE C 258 -2.08 -7.98 46.55
C ILE C 258 -1.26 -9.24 46.84
N HIS C 259 0.04 -9.05 47.06
CA HIS C 259 0.92 -10.18 47.31
C HIS C 259 1.72 -9.99 48.60
N ASP C 260 1.37 -10.75 49.64
CA ASP C 260 2.16 -10.74 50.87
C ASP C 260 3.56 -11.26 50.61
N ILE C 261 4.52 -10.80 51.41
CA ILE C 261 5.91 -11.20 51.25
C ILE C 261 6.34 -12.18 52.35
N GLU C 337 3.44 -6.56 50.92
CA GLU C 337 2.37 -6.74 49.96
C GLU C 337 2.65 -5.98 48.67
N VAL C 338 2.29 -6.59 47.54
CA VAL C 338 2.44 -5.94 46.24
C VAL C 338 1.08 -5.66 45.61
N TYR C 339 1.03 -4.53 44.84
CA TYR C 339 -0.26 -4.14 44.25
C TYR C 339 -0.25 -4.22 42.73
N PHE C 340 -1.26 -4.89 42.17
CA PHE C 340 -1.42 -4.88 40.72
C PHE C 340 -2.87 -4.58 40.33
N MET C 341 -3.15 -3.32 40.05
CA MET C 341 -4.53 -2.87 39.81
C MET C 341 -4.68 -2.28 38.41
N GLY C 342 -5.88 -2.35 37.86
CA GLY C 342 -6.15 -1.82 36.53
C GLY C 342 -7.60 -1.99 36.13
N LEU C 343 -8.09 -1.13 35.24
CA LEU C 343 -9.45 -1.24 34.71
C LEU C 343 -9.62 -2.49 33.87
N ILE C 344 -10.75 -3.17 33.97
CA ILE C 344 -10.89 -4.40 33.19
C ILE C 344 -12.22 -4.76 32.55
N ASP C 345 -13.33 -4.38 33.16
CA ASP C 345 -14.62 -4.74 32.59
C ASP C 345 -15.04 -3.60 31.67
N ILE C 346 -14.25 -3.36 30.62
CA ILE C 346 -14.62 -2.25 29.73
C ILE C 346 -15.52 -2.70 28.60
N LEU C 347 -15.51 -4.00 28.31
CA LEU C 347 -16.29 -4.58 27.21
C LEU C 347 -17.79 -4.75 27.47
N THR C 348 -18.49 -5.40 26.54
CA THR C 348 -19.93 -5.61 26.70
C THR C 348 -20.45 -6.61 25.64
N HIS C 375 -26.93 6.21 33.43
CA HIS C 375 -25.94 6.96 32.66
C HIS C 375 -24.53 6.71 33.18
N PRO C 376 -23.60 6.48 32.25
CA PRO C 376 -22.19 6.25 32.62
C PRO C 376 -21.67 7.34 33.55
N GLU C 377 -21.88 8.59 33.15
CA GLU C 377 -21.41 9.74 33.92
C GLU C 377 -21.86 9.63 35.38
N GLN C 378 -23.01 9.01 35.59
CA GLN C 378 -23.55 8.84 36.94
C GLN C 378 -22.70 7.88 37.76
N TYR C 379 -22.52 6.67 37.25
CA TYR C 379 -21.77 5.65 37.98
C TYR C 379 -20.27 5.90 37.89
N ALA C 380 -19.85 6.56 36.81
CA ALA C 380 -18.49 7.09 36.72
C ALA C 380 -18.12 7.89 37.97
N LYS C 381 -19.02 8.79 38.37
CA LYS C 381 -18.81 9.59 39.57
C LYS C 381 -18.67 8.68 40.80
N ARG C 382 -19.00 7.42 40.64
CA ARG C 382 -19.06 6.49 41.76
C ARG C 382 -17.85 5.55 41.77
N PHE C 383 -16.99 5.70 40.77
CA PHE C 383 -15.82 4.83 40.64
C PHE C 383 -14.59 5.50 41.24
N LEU C 384 -14.01 6.45 40.53
CA LEU C 384 -12.85 7.19 41.02
C LEU C 384 -13.03 7.59 42.47
N ASP C 385 -14.18 8.19 42.78
CA ASP C 385 -14.48 8.60 44.15
C ASP C 385 -14.53 7.39 45.08
N PHE C 386 -15.20 6.33 44.64
CA PHE C 386 -15.25 5.09 45.40
C PHE C 386 -13.86 4.62 45.80
N ILE C 387 -12.92 4.71 44.87
CA ILE C 387 -11.61 4.09 45.03
C ILE C 387 -10.52 5.11 45.35
N THR C 388 -10.91 6.41 45.41
CA THR C 388 -9.96 7.47 45.74
C THR C 388 -9.81 7.59 47.24
N ASP D 16 -0.52 10.84 10.85
CA ASP D 16 -1.90 11.34 11.00
C ASP D 16 -2.46 11.80 9.66
N PRO D 17 -3.48 11.09 9.19
CA PRO D 17 -4.22 11.51 8.00
C PRO D 17 -4.58 12.98 8.01
N LEU D 18 -5.43 13.36 8.97
CA LEU D 18 -6.09 14.65 8.96
C LEU D 18 -5.09 15.78 8.75
N VAL D 19 -3.97 15.73 9.48
CA VAL D 19 -2.97 16.79 9.34
C VAL D 19 -2.29 16.68 7.99
N GLY D 20 -2.24 15.44 7.45
CA GLY D 20 -1.64 15.18 6.16
C GLY D 20 -2.57 15.52 5.02
N VAL D 21 -3.86 15.29 5.23
CA VAL D 21 -4.92 15.78 4.36
C VAL D 21 -4.94 17.32 4.35
N PHE D 22 -4.83 17.88 5.55
CA PHE D 22 -4.79 19.34 5.70
C PHE D 22 -3.81 19.96 4.71
N LEU D 23 -2.54 19.63 4.87
CA LEU D 23 -1.49 20.15 4.01
C LEU D 23 -1.87 19.93 2.56
N TRP D 24 -2.12 18.68 2.20
CA TRP D 24 -2.51 18.37 0.82
C TRP D 24 -3.43 19.45 0.28
N GLY D 25 -4.48 19.75 1.06
CA GLY D 25 -5.46 20.75 0.71
C GLY D 25 -4.86 22.14 0.66
N VAL D 26 -4.05 22.48 1.65
CA VAL D 26 -3.43 23.80 1.69
C VAL D 26 -2.68 24.08 0.38
N ALA D 27 -1.96 23.07 -0.09
CA ALA D 27 -1.16 23.20 -1.30
C ALA D 27 -2.02 23.30 -2.56
N HIS D 28 -2.80 22.24 -2.81
CA HIS D 28 -3.69 22.19 -3.96
C HIS D 28 -4.40 23.52 -4.19
N SER D 29 -5.14 23.97 -3.17
CA SER D 29 -5.91 25.20 -3.26
C SER D 29 -5.03 26.41 -3.50
N ILE D 30 -4.02 26.59 -2.65
CA ILE D 30 -3.17 27.78 -2.76
C ILE D 30 -2.52 27.86 -4.15
N ASN D 31 -2.34 26.72 -4.82
CA ASN D 31 -1.70 26.72 -6.12
C ASN D 31 -2.71 26.88 -7.25
N GLU D 32 -3.95 26.45 -7.00
CA GLU D 32 -5.04 26.69 -7.95
C GLU D 32 -5.63 28.09 -7.72
N LEU D 33 -5.33 28.64 -6.55
CA LEU D 33 -5.75 29.99 -6.20
C LEU D 33 -4.81 30.94 -6.97
N SER D 34 -3.50 30.69 -6.85
CA SER D 34 -2.50 31.49 -7.55
C SER D 34 -2.89 31.68 -9.01
N GLN D 35 -3.38 30.61 -9.61
CA GLN D 35 -3.80 30.65 -11.01
C GLN D 35 -5.03 31.51 -11.20
N VAL D 36 -5.42 32.22 -10.14
CA VAL D 36 -6.65 33.01 -10.11
C VAL D 36 -6.33 34.48 -9.81
N PRO D 37 -6.81 35.35 -10.68
CA PRO D 37 -6.54 36.79 -10.53
C PRO D 37 -7.33 37.40 -9.39
N PRO D 38 -6.63 38.11 -8.52
CA PRO D 38 -7.27 38.76 -7.37
C PRO D 38 -8.17 39.91 -7.78
N PRO D 39 -9.41 39.89 -7.31
CA PRO D 39 -10.32 41.02 -7.53
C PRO D 39 -9.94 42.20 -6.63
N VAL D 40 -10.26 43.40 -7.08
CA VAL D 40 -9.99 44.60 -6.29
C VAL D 40 -11.03 44.78 -5.19
N MET D 41 -12.26 44.34 -5.44
CA MET D 41 -13.36 44.62 -4.52
C MET D 41 -14.12 43.34 -4.15
N LEU D 42 -14.19 43.06 -2.85
CA LEU D 42 -14.85 41.87 -2.34
C LEU D 42 -16.37 41.99 -2.46
N LEU D 43 -16.93 41.22 -3.38
CA LEU D 43 -18.38 41.19 -3.55
C LEU D 43 -19.04 40.24 -2.57
N PRO D 44 -20.34 40.33 -2.38
CA PRO D 44 -21.04 39.46 -1.43
C PRO D 44 -20.78 38.00 -1.75
N ASP D 45 -20.94 37.62 -3.01
CA ASP D 45 -20.83 36.22 -3.41
C ASP D 45 -19.49 35.62 -3.00
N ASP D 46 -18.47 36.48 -2.92
CA ASP D 46 -17.12 36.02 -2.55
C ASP D 46 -17.08 35.60 -1.08
N PHE D 47 -18.00 36.16 -0.29
CA PHE D 47 -18.13 35.79 1.13
C PHE D 47 -19.02 34.57 1.31
N LYS D 48 -19.74 34.21 0.24
CA LYS D 48 -20.46 32.96 0.21
C LYS D 48 -19.68 31.90 -0.58
N ALA D 49 -18.63 32.35 -1.22
CA ALA D 49 -17.83 31.48 -2.09
C ALA D 49 -17.18 30.35 -1.30
N SER D 50 -16.89 29.24 -1.98
CA SER D 50 -16.28 28.08 -1.36
C SER D 50 -15.46 27.27 -2.36
N SER D 51 -14.79 26.25 -1.86
CA SER D 51 -13.99 25.36 -2.70
C SER D 51 -13.82 23.99 -2.03
N LYS D 52 -14.41 22.96 -2.62
CA LYS D 52 -14.42 21.63 -2.01
C LYS D 52 -13.96 20.57 -3.00
N ILE D 53 -13.03 19.73 -2.55
CA ILE D 53 -12.59 18.58 -3.34
C ILE D 53 -12.87 17.26 -2.63
N LYS D 54 -13.32 16.27 -3.38
CA LYS D 54 -13.46 14.90 -2.89
C LYS D 54 -12.48 13.99 -3.60
N VAL D 55 -11.75 13.18 -2.84
CA VAL D 55 -10.71 12.35 -3.46
C VAL D 55 -10.96 10.85 -3.22
N ASN D 56 -11.36 10.16 -4.32
CA ASN D 56 -11.73 8.75 -4.24
C ASN D 56 -10.71 7.86 -4.93
N ASN D 57 -10.09 6.96 -4.17
CA ASN D 57 -8.99 6.15 -4.68
C ASN D 57 -9.20 4.66 -4.39
N HIS D 58 -9.48 3.90 -5.44
CA HIS D 58 -9.54 2.44 -5.31
C HIS D 58 -8.23 1.80 -5.76
N LEU D 59 -7.46 1.32 -4.80
CA LEU D 59 -6.19 0.67 -5.08
C LEU D 59 -5.18 1.67 -5.63
N PHE D 60 -5.15 2.86 -5.03
CA PHE D 60 -4.23 3.91 -5.47
C PHE D 60 -3.75 4.75 -4.29
N HIS D 61 -2.54 5.29 -4.40
CA HIS D 61 -1.94 6.07 -3.32
C HIS D 61 -2.00 5.29 -2.01
N ARG D 62 -2.64 5.87 -1.01
CA ARG D 62 -2.80 5.23 0.29
C ARG D 62 -1.47 5.16 1.04
N GLU D 63 -0.45 5.81 0.49
CA GLU D 63 0.87 5.82 1.11
C GLU D 63 0.89 6.82 2.27
N ASN D 64 -0.06 7.75 2.23
CA ASN D 64 -0.20 8.77 3.25
C ASN D 64 -1.62 9.27 3.57
N LEU D 65 -2.24 9.95 2.60
CA LEU D 65 -3.60 10.43 2.76
C LEU D 65 -4.58 9.27 2.51
N PRO D 66 -5.63 9.23 3.31
CA PRO D 66 -6.65 8.17 3.21
C PRO D 66 -7.08 7.94 1.77
N SER D 67 -7.56 6.73 1.50
CA SER D 67 -8.12 6.43 0.18
C SER D 67 -9.30 7.34 -0.13
N HIS D 68 -9.97 7.79 0.92
CA HIS D 68 -11.13 8.67 0.78
C HIS D 68 -11.09 9.82 1.77
N PHE D 69 -11.12 11.06 1.24
CA PHE D 69 -11.20 12.23 2.10
C PHE D 69 -11.90 13.38 1.39
N LYS D 70 -12.11 14.47 2.12
CA LYS D 70 -12.70 15.68 1.56
C LYS D 70 -11.91 16.91 2.00
N PHE D 71 -12.09 18.03 1.27
CA PHE D 71 -11.48 19.27 1.70
C PHE D 71 -12.23 20.48 1.16
N LYS D 72 -12.07 21.60 1.86
CA LYS D 72 -12.78 22.82 1.50
C LYS D 72 -12.18 24.04 2.20
N GLU D 73 -11.90 25.09 1.41
CA GLU D 73 -11.46 26.38 1.95
C GLU D 73 -12.59 27.39 1.88
N TYR D 74 -12.78 28.13 2.97
CA TYR D 74 -13.89 29.06 3.07
C TYR D 74 -13.51 30.43 2.55
N CYS D 75 -14.35 30.98 1.67
CA CYS D 75 -14.10 32.30 1.09
C CYS D 75 -12.69 32.42 0.53
N PRO D 76 -12.38 31.57 -0.45
CA PRO D 76 -11.02 31.44 -0.98
C PRO D 76 -10.39 32.79 -1.31
N GLN D 77 -11.22 33.70 -1.83
CA GLN D 77 -10.76 35.03 -2.19
C GLN D 77 -10.75 35.93 -0.96
N VAL D 78 -11.66 35.66 -0.02
CA VAL D 78 -11.81 36.55 1.13
C VAL D 78 -10.59 36.45 2.05
N PHE D 79 -10.17 35.23 2.36
CA PHE D 79 -9.04 35.06 3.28
C PHE D 79 -7.72 35.30 2.56
N ARG D 80 -7.70 35.03 1.26
CA ARG D 80 -6.54 35.38 0.42
C ARG D 80 -6.32 36.89 0.45
N ASN D 81 -7.39 37.64 0.16
CA ASN D 81 -7.35 39.08 0.20
C ASN D 81 -6.85 39.59 1.56
N LEU D 82 -7.18 38.85 2.62
CA LEU D 82 -6.69 39.17 3.95
C LEU D 82 -5.20 38.87 4.08
N ARG D 83 -4.76 37.78 3.46
CA ARG D 83 -3.34 37.43 3.41
C ARG D 83 -2.52 38.58 2.87
N ASP D 84 -2.95 39.11 1.73
CA ASP D 84 -2.35 40.30 1.13
C ASP D 84 -2.40 41.46 2.11
N ARG D 85 -3.57 41.72 2.68
CA ARG D 85 -3.75 42.79 3.65
C ARG D 85 -2.80 42.55 4.82
N PHE D 86 -2.51 41.28 5.08
CA PHE D 86 -1.61 40.90 6.17
C PHE D 86 -0.16 40.82 5.69
N GLY D 87 0.15 41.56 4.61
CA GLY D 87 1.47 41.56 4.04
C GLY D 87 2.08 40.16 4.06
N ILE D 88 1.31 39.18 3.62
CA ILE D 88 1.76 37.80 3.62
C ILE D 88 1.66 37.19 2.22
N ASP D 89 2.81 36.96 1.60
CA ASP D 89 2.88 36.29 0.31
C ASP D 89 2.44 34.84 0.44
N ASP D 90 1.76 34.32 -0.60
CA ASP D 90 1.16 32.99 -0.52
C ASP D 90 2.20 31.89 -0.74
N GLN D 91 3.13 32.13 -1.66
CA GLN D 91 4.20 31.17 -1.89
C GLN D 91 4.88 30.80 -0.57
N ASP D 92 5.30 31.83 0.16
CA ASP D 92 5.85 31.66 1.49
C ASP D 92 4.83 31.02 2.44
N TYR D 93 3.62 31.57 2.44
CA TYR D 93 2.51 31.02 3.22
C TYR D 93 2.41 29.51 3.03
N LEU D 94 2.68 29.07 1.80
CA LEU D 94 2.68 27.64 1.49
C LEU D 94 3.96 26.96 1.96
N VAL D 95 5.08 27.39 1.41
CA VAL D 95 6.38 26.83 1.78
C VAL D 95 6.51 26.79 3.30
N SER D 96 6.07 27.87 3.95
CA SER D 96 6.12 27.96 5.40
C SER D 96 4.92 27.25 6.03
N LEU D 97 4.37 26.30 5.26
CA LEU D 97 3.18 25.57 5.69
C LEU D 97 3.28 24.10 5.31
N THR D 98 3.89 23.83 4.15
CA THR D 98 3.81 22.51 3.54
C THR D 98 5.20 21.88 3.33
N ARG D 99 6.23 22.71 3.35
CA ARG D 99 7.59 22.25 3.03
C ARG D 99 8.17 21.16 3.91
N ASN D 100 7.38 20.70 4.88
CA ASN D 100 7.69 20.25 6.23
C ASN D 100 6.45 19.93 7.04
N PRO D 101 6.59 19.06 8.04
CA PRO D 101 5.51 18.80 8.99
C PRO D 101 5.51 19.77 10.16
N PRO D 102 4.33 20.11 10.66
CA PRO D 102 4.22 20.93 11.86
C PRO D 102 4.35 20.10 13.14
N SER D 103 4.37 20.78 14.29
CA SER D 103 4.43 20.09 15.57
C SER D 103 3.10 20.21 16.31
N GLU D 104 2.77 19.15 17.06
CA GLU D 104 1.52 19.13 17.82
C GLU D 104 1.64 19.97 19.09
N SER D 105 0.56 20.69 19.43
CA SER D 105 0.56 21.55 20.61
C SER D 105 -0.83 21.78 21.14
N GLU D 106 -0.92 22.30 22.35
CA GLU D 106 -2.21 22.58 22.98
C GLU D 106 -2.03 23.35 24.29
N ARG D 111 -6.50 22.58 19.52
CA ARG D 111 -5.45 21.71 19.01
C ARG D 111 -4.37 22.51 18.28
N PHE D 112 -3.72 23.41 19.02
CA PHE D 112 -2.65 24.22 18.46
C PHE D 112 -1.63 23.40 17.68
N LEU D 113 -1.02 24.03 16.68
CA LEU D 113 -0.01 23.39 15.83
C LEU D 113 0.94 24.45 15.27
N ILE D 114 2.16 24.48 15.79
CA ILE D 114 3.12 25.46 15.27
C ILE D 114 3.70 24.97 13.94
N SER D 115 3.66 25.85 12.94
CA SER D 115 4.33 25.57 11.67
C SER D 115 5.79 25.20 11.92
N TYR D 116 6.36 24.39 11.04
CA TYR D 116 7.79 24.08 11.11
C TYR D 116 8.61 25.36 11.21
N ASP D 117 8.15 26.42 10.52
CA ASP D 117 8.75 27.73 10.59
C ASP D 117 8.49 28.39 11.94
N ARG D 118 7.43 27.94 12.61
CA ARG D 118 7.05 28.51 13.89
C ARG D 118 6.56 29.94 13.66
N THR D 119 6.16 30.22 12.42
CA THR D 119 5.68 31.55 12.06
C THR D 119 4.16 31.64 12.16
N LEU D 120 3.50 30.49 12.06
CA LEU D 120 2.05 30.45 12.02
C LEU D 120 1.49 29.54 13.11
N VAL D 121 0.18 29.63 13.32
CA VAL D 121 -0.51 28.82 14.33
C VAL D 121 -1.75 28.16 13.73
N ILE D 122 -1.70 26.83 13.64
CA ILE D 122 -2.90 26.10 13.21
C ILE D 122 -3.66 25.61 14.42
N LYS D 123 -4.92 26.06 14.54
CA LYS D 123 -5.78 25.63 15.65
C LYS D 123 -7.01 24.92 15.11
N GLU D 124 -7.43 23.84 15.76
CA GLU D 124 -8.63 23.11 15.37
C GLU D 124 -9.81 23.90 15.93
N VAL D 125 -10.90 23.99 15.15
CA VAL D 125 -12.06 24.74 15.62
C VAL D 125 -13.35 23.94 15.42
N SER D 126 -14.47 24.53 15.83
CA SER D 126 -15.77 23.87 15.82
C SER D 126 -16.61 24.26 14.61
N SER D 127 -17.58 23.43 14.27
CA SER D 127 -18.47 23.68 13.14
C SER D 127 -19.13 25.03 13.26
N GLU D 128 -19.47 25.42 14.50
CA GLU D 128 -20.14 26.69 14.74
C GLU D 128 -19.14 27.85 14.72
N ASP D 129 -17.99 27.65 15.36
CA ASP D 129 -16.95 28.66 15.40
C ASP D 129 -16.65 29.21 14.01
N ILE D 130 -16.58 28.31 13.04
CA ILE D 130 -16.42 28.71 11.65
C ILE D 130 -17.54 29.65 11.22
N ALA D 131 -18.77 29.25 11.47
CA ALA D 131 -19.93 30.03 11.08
C ALA D 131 -19.84 31.45 11.62
N ASP D 132 -19.79 31.59 12.95
CA ASP D 132 -19.63 32.89 13.58
C ASP D 132 -18.45 33.64 12.98
N MET D 133 -17.49 32.85 12.53
CA MET D 133 -16.31 33.39 11.86
C MET D 133 -16.87 33.93 10.55
N HIS D 134 -17.62 33.10 9.84
CA HIS D 134 -18.26 33.53 8.60
C HIS D 134 -19.19 34.70 8.84
N SER D 135 -19.75 34.75 10.06
CA SER D 135 -20.64 35.86 10.45
C SER D 135 -19.83 37.13 10.73
N ASN D 136 -18.90 37.05 11.67
CA ASN D 136 -18.05 38.21 11.98
C ASN D 136 -17.25 38.58 10.74
N LEU D 137 -16.97 37.56 9.93
CA LEU D 137 -16.19 37.70 8.70
C LEU D 137 -16.34 39.02 7.96
N SER D 138 -17.52 39.28 7.41
CA SER D 138 -17.74 40.50 6.64
C SER D 138 -17.31 41.75 7.41
N ASN D 139 -17.49 41.72 8.73
CA ASN D 139 -17.07 42.85 9.57
C ASN D 139 -15.55 42.90 9.69
N TYR D 140 -14.95 41.71 9.87
CA TYR D 140 -13.53 41.58 10.13
C TYR D 140 -12.69 42.40 9.14
N HIS D 141 -12.82 42.08 7.85
CA HIS D 141 -11.96 42.68 6.85
C HIS D 141 -12.14 44.20 6.79
N GLN D 142 -13.37 44.65 7.02
CA GLN D 142 -13.67 46.08 7.10
C GLN D 142 -12.65 46.78 7.99
N TYR D 143 -12.34 46.10 9.09
CA TYR D 143 -11.36 46.55 10.08
C TYR D 143 -9.95 46.34 9.58
N ILE D 144 -9.72 45.22 8.90
CA ILE D 144 -8.42 44.91 8.32
C ILE D 144 -7.95 46.07 7.42
N VAL D 145 -8.82 46.46 6.50
CA VAL D 145 -8.52 47.51 5.53
C VAL D 145 -8.32 48.87 6.22
N LYS D 146 -9.28 49.23 7.07
CA LYS D 146 -9.25 50.51 7.77
C LYS D 146 -8.05 50.72 8.67
N CYS D 147 -7.71 49.71 9.45
CA CYS D 147 -6.59 49.82 10.38
C CYS D 147 -5.33 49.17 9.77
N HIS D 148 -5.52 48.48 8.65
CA HIS D 148 -4.41 47.96 7.85
C HIS D 148 -3.70 46.80 8.55
N GLY D 149 -4.50 45.87 9.10
CA GLY D 149 -4.01 44.61 9.60
C GLY D 149 -2.78 44.70 10.48
N ASN D 150 -2.92 45.38 11.62
CA ASN D 150 -1.80 45.45 12.57
C ASN D 150 -2.30 45.31 14.00
N THR D 151 -3.63 45.18 14.16
CA THR D 151 -4.24 45.12 15.47
C THR D 151 -3.69 43.97 16.30
N LEU D 152 -3.98 43.98 17.60
CA LEU D 152 -3.56 42.92 18.49
C LEU D 152 -4.42 41.68 18.19
N LEU D 153 -5.43 41.88 17.35
CA LEU D 153 -6.34 40.80 16.96
C LEU D 153 -5.59 39.70 16.22
N PRO D 154 -6.12 38.49 16.29
CA PRO D 154 -5.55 37.36 15.56
C PRO D 154 -5.73 37.52 14.04
N GLN D 155 -4.59 37.61 13.34
CA GLN D 155 -4.59 37.63 11.87
C GLN D 155 -5.05 36.29 11.32
N PHE D 156 -6.20 36.29 10.62
CA PHE D 156 -6.77 35.06 10.09
C PHE D 156 -6.50 34.91 8.60
N LEU D 157 -5.79 33.84 8.23
CA LEU D 157 -5.44 33.59 6.85
C LEU D 157 -6.02 32.28 6.33
N GLY D 158 -6.26 31.34 7.24
CA GLY D 158 -6.66 30.00 6.83
C GLY D 158 -7.86 29.50 7.63
N MET D 159 -8.82 28.92 6.92
CA MET D 159 -10.03 28.37 7.52
C MET D 159 -10.50 27.25 6.60
N TYR D 160 -10.18 26.02 6.97
CA TYR D 160 -10.53 24.86 6.15
C TYR D 160 -11.30 23.81 6.95
N ARG D 161 -11.78 22.79 6.25
CA ARG D 161 -12.47 21.68 6.88
C ARG D 161 -12.00 20.34 6.30
N VAL D 162 -11.52 19.47 7.18
CA VAL D 162 -10.88 18.23 6.73
C VAL D 162 -11.66 16.99 7.12
N SER D 163 -12.40 16.43 6.14
CA SER D 163 -13.14 15.20 6.37
C SER D 163 -12.28 13.96 6.05
N VAL D 164 -12.28 13.00 6.98
CA VAL D 164 -11.50 11.79 6.84
C VAL D 164 -12.36 10.57 7.20
N ASP D 165 -12.75 9.81 6.18
CA ASP D 165 -13.69 8.71 6.37
C ASP D 165 -14.91 9.20 7.14
N ASN D 166 -15.69 10.06 6.51
CA ASN D 166 -16.90 10.66 7.05
C ASN D 166 -16.64 11.27 8.43
N GLU D 167 -15.48 11.90 8.57
CA GLU D 167 -15.11 12.57 9.83
C GLU D 167 -14.76 14.02 9.48
N ASP D 168 -15.43 14.97 10.13
CA ASP D 168 -15.17 16.38 9.84
C ASP D 168 -14.31 17.02 10.91
N SER D 169 -13.56 18.05 10.52
CA SER D 169 -12.73 18.82 11.44
C SER D 169 -12.25 20.12 10.78
N TYR D 170 -12.72 21.26 11.33
CA TYR D 170 -12.37 22.57 10.80
C TYR D 170 -11.14 23.13 11.49
N MET D 171 -10.19 23.63 10.69
CA MET D 171 -8.98 24.21 11.27
C MET D 171 -8.84 25.69 10.90
N LEU D 172 -8.18 26.44 11.77
CA LEU D 172 -7.94 27.86 11.56
C LEU D 172 -6.46 28.17 11.52
N VAL D 173 -6.02 28.92 10.51
CA VAL D 173 -4.62 29.25 10.34
C VAL D 173 -4.38 30.75 10.52
N MET D 174 -3.52 31.09 11.48
CA MET D 174 -3.22 32.48 11.78
C MET D 174 -1.76 32.68 12.13
N ARG D 175 -1.34 33.93 12.13
CA ARG D 175 0.03 34.26 12.50
C ARG D 175 0.25 34.06 14.00
N ASN D 176 1.38 33.45 14.34
CA ASN D 176 1.73 33.18 15.74
C ASN D 176 2.13 34.46 16.45
N MET D 177 1.47 34.75 17.57
CA MET D 177 1.78 35.96 18.34
C MET D 177 3.18 35.89 18.93
N PHE D 178 3.63 34.69 19.27
CA PHE D 178 4.98 34.51 19.81
C PHE D 178 5.99 34.50 18.67
N SER D 179 7.29 34.59 19.03
CA SER D 179 8.33 34.60 18.01
C SER D 179 8.69 33.19 17.57
N HIS D 180 9.03 33.06 16.29
CA HIS D 180 9.51 31.80 15.73
C HIS D 180 10.93 31.51 16.23
N ARG D 181 11.60 32.55 16.71
CA ARG D 181 13.01 32.45 17.11
C ARG D 181 13.17 32.57 18.62
N LEU D 182 12.86 33.75 19.16
CA LEU D 182 13.09 34.01 20.57
C LEU D 182 12.06 33.31 21.44
N PRO D 183 12.55 32.49 22.38
CA PRO D 183 11.68 31.62 23.16
C PRO D 183 11.06 32.34 24.36
N VAL D 184 9.79 32.04 24.62
CA VAL D 184 9.07 32.63 25.75
C VAL D 184 9.40 31.91 27.05
N HIS D 185 9.73 32.70 28.09
CA HIS D 185 10.02 32.15 29.40
C HIS D 185 8.94 32.50 30.40
N ARG D 186 8.15 33.53 30.06
CA ARG D 186 7.01 33.97 30.87
C ARG D 186 5.81 34.12 29.92
N LYS D 187 4.62 33.76 30.38
CA LYS D 187 3.44 33.86 29.52
C LYS D 187 2.15 33.73 30.33
N TYR D 188 1.37 34.82 30.38
CA TYR D 188 0.08 34.80 31.03
C TYR D 188 -1.04 35.14 30.05
N ASP D 189 -2.27 34.83 30.45
CA ASP D 189 -3.45 35.21 29.69
C ASP D 189 -4.28 36.25 30.44
N LEU D 190 -3.98 37.53 30.17
CA LEU D 190 -4.54 38.63 30.95
C LEU D 190 -6.04 38.78 30.73
N LYS D 191 -6.77 38.92 31.83
CA LYS D 191 -8.22 39.07 31.79
C LYS D 191 -8.79 40.13 32.72
N GLY D 192 -8.83 39.83 34.02
CA GLY D 192 -9.36 40.76 35.00
C GLY D 192 -10.19 40.06 36.06
N THR D 210 1.66 28.63 32.49
CA THR D 210 0.57 29.39 31.88
C THR D 210 -0.50 29.75 32.91
N LEU D 211 -0.11 30.53 33.91
CA LEU D 211 -1.04 30.95 34.95
C LEU D 211 -1.82 32.19 34.53
N ARG D 212 -3.14 32.10 34.65
CA ARG D 212 -4.03 33.18 34.28
C ARG D 212 -3.86 34.40 35.15
N ASP D 213 -4.60 35.46 34.87
CA ASP D 213 -4.36 36.80 35.40
C ASP D 213 -4.70 36.88 36.89
N MET D 214 -5.00 35.74 37.48
CA MET D 214 -5.34 35.71 38.91
C MET D 214 -4.08 35.49 39.77
N ASP D 215 -3.01 35.06 39.11
CA ASP D 215 -1.75 34.85 39.82
C ASP D 215 -0.70 35.88 39.39
N PHE D 216 -1.18 37.00 38.82
CA PHE D 216 -0.29 38.06 38.36
C PHE D 216 -0.28 39.21 39.38
N LEU D 217 -1.03 39.05 40.45
CA LEU D 217 -1.15 40.05 41.50
C LEU D 217 0.14 40.16 42.32
N ASN D 218 0.34 39.17 43.19
CA ASN D 218 1.49 39.15 44.09
C ASN D 218 2.86 39.23 43.43
N LYS D 219 2.94 39.02 42.12
CA LYS D 219 4.24 39.01 41.53
C LYS D 219 4.67 40.42 41.13
N ASN D 220 3.70 41.33 41.09
CA ASN D 220 3.82 42.79 40.73
C ASN D 220 4.22 43.10 39.28
N GLN D 221 3.36 42.69 38.31
CA GLN D 221 3.57 42.89 36.84
C GLN D 221 4.13 44.25 36.46
N LYS D 222 4.84 44.29 35.33
CA LYS D 222 5.57 45.46 34.89
C LYS D 222 4.85 46.27 33.79
N VAL D 223 4.27 47.40 34.20
CA VAL D 223 3.57 48.28 33.26
C VAL D 223 4.50 49.41 32.79
N TYR D 224 5.60 49.01 32.15
CA TYR D 224 6.59 49.95 31.65
C TYR D 224 7.53 49.32 30.62
N ILE D 225 7.57 49.92 29.45
CA ILE D 225 8.48 49.52 28.37
C ILE D 225 8.94 50.74 27.58
N GLY D 226 8.18 51.83 27.73
CA GLY D 226 8.46 53.09 27.05
C GLY D 226 7.18 53.85 26.79
N GLU D 227 7.12 55.09 27.27
CA GLU D 227 5.95 55.93 27.09
C GLU D 227 5.50 55.94 25.62
N GLU D 228 6.41 56.38 24.75
CA GLU D 228 6.13 56.43 23.32
C GLU D 228 5.62 55.15 22.67
N GLU D 229 6.48 54.15 22.59
CA GLU D 229 6.15 52.86 21.99
C GLU D 229 4.95 52.20 22.67
N LYS D 230 4.77 52.50 23.95
CA LYS D 230 3.66 51.95 24.72
C LYS D 230 2.36 52.61 24.25
N LYS D 231 2.43 53.91 23.99
CA LYS D 231 1.26 54.65 23.52
C LYS D 231 0.65 53.96 22.30
N ILE D 232 1.48 53.79 21.26
CA ILE D 232 1.05 53.10 20.05
C ILE D 232 0.30 51.82 20.41
N PHE D 233 0.92 50.98 21.24
CA PHE D 233 0.26 49.77 21.73
C PHE D 233 -1.08 50.08 22.36
N LEU D 234 -1.05 50.88 23.43
CA LEU D 234 -2.28 51.30 24.10
C LEU D 234 -3.30 51.81 23.10
N GLU D 235 -2.82 52.45 22.04
CA GLU D 235 -3.70 52.95 20.99
C GLU D 235 -4.46 51.76 20.41
N LYS D 236 -3.72 50.83 19.80
CA LYS D 236 -4.31 49.64 19.22
C LYS D 236 -5.28 48.96 20.19
N LEU D 237 -4.83 48.74 21.42
CA LEU D 237 -5.59 48.01 22.42
C LEU D 237 -7.01 48.55 22.55
N LYS D 238 -7.12 49.87 22.66
CA LYS D 238 -8.41 50.53 22.80
C LYS D 238 -9.34 50.33 21.61
N ARG D 239 -8.83 50.60 20.41
CA ARG D 239 -9.62 50.46 19.18
C ARG D 239 -10.00 49.00 18.91
N ASP D 240 -9.04 48.10 19.13
CA ASP D 240 -9.25 46.68 18.90
C ASP D 240 -10.44 46.18 19.72
N VAL D 241 -10.57 46.68 20.93
CA VAL D 241 -11.64 46.26 21.83
C VAL D 241 -12.92 47.08 21.63
N GLU D 242 -12.79 48.27 21.06
CA GLU D 242 -13.94 48.99 20.55
C GLU D 242 -14.59 48.25 19.39
N PHE D 243 -13.75 47.56 18.62
CA PHE D 243 -14.22 46.72 17.50
C PHE D 243 -14.94 45.49 18.02
N LEU D 244 -14.29 44.76 18.93
CA LEU D 244 -14.90 43.59 19.54
C LEU D 244 -16.29 44.01 20.02
N VAL D 245 -16.36 45.19 20.63
CA VAL D 245 -17.62 45.72 21.11
C VAL D 245 -18.74 45.55 20.10
N GLN D 246 -18.61 46.26 18.98
CA GLN D 246 -19.60 46.29 17.91
C GLN D 246 -20.12 44.95 17.42
N LEU D 247 -19.43 43.87 17.74
CA LEU D 247 -19.86 42.55 17.28
C LEU D 247 -20.57 41.78 18.39
N LYS D 248 -20.57 42.36 19.59
CA LYS D 248 -21.17 41.71 20.74
C LYS D 248 -20.26 40.53 21.11
N ILE D 249 -19.00 40.62 20.68
CA ILE D 249 -18.03 39.57 20.95
C ILE D 249 -17.90 39.30 22.44
N MET D 250 -18.31 38.10 22.83
CA MET D 250 -18.25 37.60 24.21
C MET D 250 -16.86 37.60 24.81
N ASP D 251 -16.80 37.28 26.09
CA ASP D 251 -15.56 37.29 26.87
C ASP D 251 -14.29 36.98 26.06
N TYR D 252 -13.30 37.83 26.22
CA TYR D 252 -12.02 37.70 25.51
C TYR D 252 -10.86 37.92 26.46
N SER D 253 -9.71 37.29 26.18
CA SER D 253 -8.54 37.48 27.04
C SER D 253 -7.37 38.01 26.21
N LEU D 254 -6.31 38.43 26.89
CA LEU D 254 -5.11 38.91 26.21
C LEU D 254 -3.89 38.05 26.55
N LEU D 255 -3.18 37.61 25.52
CA LEU D 255 -2.00 36.79 25.73
C LEU D 255 -0.72 37.63 25.70
N LEU D 256 -0.07 37.74 26.84
CA LEU D 256 1.24 38.39 26.92
C LEU D 256 2.33 37.37 27.22
N GLY D 257 3.36 37.35 26.39
CA GLY D 257 4.53 36.52 26.62
C GLY D 257 5.78 37.35 26.85
N ILE D 258 6.87 36.69 27.23
CA ILE D 258 8.15 37.37 27.40
C ILE D 258 9.31 36.47 26.96
N HIS D 259 10.35 37.09 26.39
CA HIS D 259 11.60 36.42 26.10
C HIS D 259 12.77 37.15 26.77
N ASP D 260 13.12 36.70 27.97
CA ASP D 260 14.20 37.33 28.73
C ASP D 260 15.59 37.05 28.21
N ILE D 261 16.51 37.99 28.44
CA ILE D 261 17.89 37.83 28.00
C ILE D 261 18.86 38.00 29.17
N GLU D 337 14.48 42.07 28.44
CA GLU D 337 13.48 41.04 28.19
C GLU D 337 12.57 41.45 27.04
N VAL D 338 12.20 40.48 26.21
CA VAL D 338 11.28 40.73 25.09
C VAL D 338 9.85 40.37 25.49
N TYR D 339 8.86 41.03 24.89
CA TYR D 339 7.47 40.74 25.21
C TYR D 339 6.66 40.43 23.97
N PHE D 340 5.64 39.59 24.12
CA PHE D 340 4.72 39.27 23.03
C PHE D 340 3.28 39.42 23.49
N MET D 341 2.56 40.43 23.04
CA MET D 341 1.19 40.56 23.54
C MET D 341 0.08 40.97 22.59
N GLY D 342 -1.03 40.22 22.65
CA GLY D 342 -2.19 40.52 21.84
C GLY D 342 -3.42 39.73 22.26
N LEU D 343 -4.62 40.26 22.04
CA LEU D 343 -5.83 39.52 22.45
C LEU D 343 -5.91 38.12 21.82
N ILE D 344 -6.45 37.14 22.55
CA ILE D 344 -6.38 35.79 22.08
C ILE D 344 -7.81 35.17 22.04
N ASP D 345 -8.53 35.20 23.16
CA ASP D 345 -9.84 34.52 23.28
C ASP D 345 -11.02 35.28 22.67
N ILE D 346 -10.80 35.86 21.51
CA ILE D 346 -11.82 36.69 20.84
C ILE D 346 -13.01 35.92 20.25
N LEU D 347 -13.32 34.76 20.82
CA LEU D 347 -14.44 33.95 20.36
C LEU D 347 -15.01 33.12 21.51
N HIS D 375 -23.14 42.23 30.62
CA HIS D 375 -22.92 42.77 29.29
C HIS D 375 -21.45 42.87 28.95
N PRO D 376 -21.13 42.92 27.65
CA PRO D 376 -19.75 43.09 27.21
C PRO D 376 -19.17 44.45 27.59
N GLU D 377 -19.91 45.52 27.32
CA GLU D 377 -19.45 46.86 27.63
C GLU D 377 -19.09 47.00 29.11
N GLN D 378 -19.78 46.25 29.96
CA GLN D 378 -19.51 46.29 31.39
C GLN D 378 -18.14 45.71 31.73
N TYR D 379 -17.92 44.45 31.36
CA TYR D 379 -16.66 43.77 31.63
C TYR D 379 -15.54 44.33 30.76
N ALA D 380 -15.92 45.05 29.71
CA ALA D 380 -14.95 45.57 28.75
C ALA D 380 -14.03 46.59 29.41
N LYS D 381 -14.61 47.59 30.06
CA LYS D 381 -13.84 48.62 30.73
C LYS D 381 -13.00 48.03 31.86
N ARG D 382 -13.24 46.77 32.17
CA ARG D 382 -12.41 46.03 33.12
C ARG D 382 -11.09 45.64 32.47
N PHE D 383 -11.10 45.43 31.16
CA PHE D 383 -9.97 44.83 30.47
C PHE D 383 -8.89 45.87 30.20
N LEU D 384 -9.12 46.72 29.21
CA LEU D 384 -8.21 47.83 28.92
C LEU D 384 -7.64 48.42 30.21
N ASP D 385 -8.50 48.56 31.22
CA ASP D 385 -8.08 49.11 32.50
C ASP D 385 -7.21 48.13 33.27
N PHE D 386 -7.57 46.85 33.21
CA PHE D 386 -6.83 45.81 33.93
C PHE D 386 -5.41 45.67 33.39
N ILE D 387 -5.28 45.71 32.07
CA ILE D 387 -3.98 45.65 31.43
C ILE D 387 -3.26 46.99 31.54
N THR D 388 -3.86 47.92 32.28
CA THR D 388 -3.27 49.24 32.48
C THR D 388 -2.50 49.32 33.79
#